data_9MEO
# 
_entry.id   9MEO 
# 
_audit_conform.dict_name       mmcif_pdbx.dic 
_audit_conform.dict_version    5.403 
_audit_conform.dict_location   http://mmcif.pdb.org/dictionaries/ascii/mmcif_pdbx.dic 
# 
loop_
_database_2.database_id 
_database_2.database_code 
_database_2.pdbx_database_accession 
_database_2.pdbx_DOI 
PDB   9MEO         pdb_00009meo 10.2210/pdb9meo/pdb 
WWPDB D_1000289689 ?            ?                   
# 
loop_
_pdbx_audit_revision_history.ordinal 
_pdbx_audit_revision_history.data_content_type 
_pdbx_audit_revision_history.major_revision 
_pdbx_audit_revision_history.minor_revision 
_pdbx_audit_revision_history.revision_date 
_pdbx_audit_revision_history.part_number 
1 'Structure model' 1 0 2025-05-21 ? 
2 'Structure model' 1 1 2025-06-04 ? 
# 
_pdbx_audit_revision_details.ordinal             1 
_pdbx_audit_revision_details.revision_ordinal    1 
_pdbx_audit_revision_details.data_content_type   'Structure model' 
_pdbx_audit_revision_details.provider            repository 
_pdbx_audit_revision_details.type                'Initial release' 
_pdbx_audit_revision_details.description         ? 
_pdbx_audit_revision_details.details             ? 
# 
_pdbx_audit_revision_group.ordinal             1 
_pdbx_audit_revision_group.revision_ordinal    2 
_pdbx_audit_revision_group.data_content_type   'Structure model' 
_pdbx_audit_revision_group.group               'Database references' 
# 
loop_
_pdbx_audit_revision_category.ordinal 
_pdbx_audit_revision_category.revision_ordinal 
_pdbx_audit_revision_category.data_content_type 
_pdbx_audit_revision_category.category 
1 2 'Structure model' citation        
2 2 'Structure model' citation_author 
# 
loop_
_pdbx_audit_revision_item.ordinal 
_pdbx_audit_revision_item.revision_ordinal 
_pdbx_audit_revision_item.data_content_type 
_pdbx_audit_revision_item.item 
1 2 'Structure model' '_citation.journal_volume'          
2 2 'Structure model' '_citation.page_first'              
3 2 'Structure model' '_citation.page_last'               
4 2 'Structure model' '_citation_author.identifier_ORCID' 
# 
_pdbx_database_status.status_code                     REL 
_pdbx_database_status.status_code_sf                  REL 
_pdbx_database_status.status_code_mr                  ? 
_pdbx_database_status.entry_id                        9MEO 
_pdbx_database_status.recvd_initial_deposition_date   2024-12-07 
_pdbx_database_status.SG_entry                        N 
_pdbx_database_status.deposit_site                    RCSB 
_pdbx_database_status.process_site                    RCSB 
_pdbx_database_status.status_code_cs                  ? 
_pdbx_database_status.status_code_nmr_data            ? 
_pdbx_database_status.methods_development_category    ? 
_pdbx_database_status.pdb_format_compatible           Y 
# 
_pdbx_contact_author.id                 2 
_pdbx_contact_author.email              andyn@uic.edu 
_pdbx_contact_author.name_first         Andy 
_pdbx_contact_author.name_last          Nguyen 
_pdbx_contact_author.name_mi            I 
_pdbx_contact_author.role               'principal investigator/group leader' 
_pdbx_contact_author.identifier_ORCID   0000-0003-4137-6453 
# 
_audit_author.name               'Richardson-Matthews, R.M.' 
_audit_author.pdbx_ordinal       1 
_audit_author.identifier_ORCID   0000-0002-5871-0908 
# 
_citation.abstract                  ? 
_citation.abstract_id_CAS           ? 
_citation.book_id_ISBN              ? 
_citation.book_publisher            ? 
_citation.book_publisher_city       ? 
_citation.book_title                ? 
_citation.coordinate_linkage        ? 
_citation.country                   US 
_citation.database_id_Medline       ? 
_citation.details                   ? 
_citation.id                        primary 
_citation.journal_abbrev            J.Am.Chem.Soc. 
_citation.journal_id_ASTM           JACSAT 
_citation.journal_id_CSD            ? 
_citation.journal_id_ISSN           1520-5126 
_citation.journal_full              ? 
_citation.journal_issue             ? 
_citation.journal_volume            147 
_citation.language                  ? 
_citation.page_first                17433 
_citation.page_last                 17447 
_citation.title                     'Metal-alpha-Helix Peptide Frameworks.' 
_citation.year                      2025 
_citation.database_id_CSD           ? 
_citation.pdbx_database_id_DOI      10.1021/jacs.5c04078 
_citation.pdbx_database_id_PubMed   40328673 
_citation.pdbx_database_id_patent   ? 
_citation.unpublished_flag          ? 
# 
loop_
_citation_author.citation_id 
_citation_author.name 
_citation_author.ordinal 
_citation_author.identifier_ORCID 
primary 'Richardson-Matthews, R.' 1 ? 
primary 'Velko, K.'               2 ? 
primary 'Bhunia, B.'              3 ? 
primary 'Ghosh, S.'               4 ? 
primary 'Oktawiec, J.'            5 ? 
primary 'Brunzelle, J.S.'         6 ? 
primary 'Dang, V.T.'              7 ? 
primary 'Nguyen, A.I.'            8 ? 
# 
loop_
_entity.id 
_entity.type 
_entity.src_method 
_entity.pdbx_description 
_entity.formula_weight 
_entity.pdbx_number_of_molecules 
_entity.pdbx_ec 
_entity.pdbx_mutation 
_entity.pdbx_fragment 
_entity.details 
1 polymer     syn 'Co-MAHF-9 A8D'   1019.197 2  ? ? ? ? 
2 non-polymer syn 'COBALT (II) ION' 58.933   1  ? ? ? ? 
3 non-polymer syn ACETONITRILE      41.052   1  ? ? ? ? 
4 water       nat water             18.015   10 ? ? ? ? 
# 
_entity_poly.entity_id                      1 
_entity_poly.type                           'polypeptide(L)' 
_entity_poly.nstd_linkage                   no 
_entity_poly.nstd_monomer                   yes 
_entity_poly.pdbx_seq_one_letter_code       '(ACE)L(AIB)E(AIB)LHD(AIB)L(NH2)' 
_entity_poly.pdbx_seq_one_letter_code_can   XLAEALHDALX 
_entity_poly.pdbx_strand_id                 A,B 
_entity_poly.pdbx_target_identifier         ? 
# 
loop_
_pdbx_entity_nonpoly.entity_id 
_pdbx_entity_nonpoly.name 
_pdbx_entity_nonpoly.comp_id 
2 'COBALT (II) ION' CO  
3 ACETONITRILE      CCN 
4 water             HOH 
# 
loop_
_entity_poly_seq.entity_id 
_entity_poly_seq.num 
_entity_poly_seq.mon_id 
_entity_poly_seq.hetero 
1 1  ACE n 
1 2  LEU n 
1 3  AIB n 
1 4  GLU n 
1 5  AIB n 
1 6  LEU n 
1 7  HIS n 
1 8  ASP n 
1 9  AIB n 
1 10 LEU n 
1 11 NH2 n 
# 
_pdbx_entity_src_syn.entity_id              1 
_pdbx_entity_src_syn.pdbx_src_id            1 
_pdbx_entity_src_syn.pdbx_alt_source_flag   sample 
_pdbx_entity_src_syn.pdbx_beg_seq_num       1 
_pdbx_entity_src_syn.pdbx_end_seq_num       11 
_pdbx_entity_src_syn.organism_scientific    'synthetic construct' 
_pdbx_entity_src_syn.organism_common_name   ? 
_pdbx_entity_src_syn.ncbi_taxonomy_id       32630 
_pdbx_entity_src_syn.details                ? 
# 
loop_
_chem_comp.id 
_chem_comp.type 
_chem_comp.mon_nstd_flag 
_chem_comp.name 
_chem_comp.pdbx_synonyms 
_chem_comp.formula 
_chem_comp.formula_weight 
ACE non-polymer         . 'ACETYL GROUP'               ? 'C2 H4 O'        44.053  
AIB 'L-peptide linking' n 'ALPHA-AMINOISOBUTYRIC ACID' ? 'C4 H9 N O2'     103.120 
ASP 'L-peptide linking' y 'ASPARTIC ACID'              ? 'C4 H7 N O4'     133.103 
CCN non-polymer         . ACETONITRILE                 ? 'C2 H3 N'        41.052  
CO  non-polymer         . 'COBALT (II) ION'            ? 'Co 2'           58.933  
GLU 'L-peptide linking' y 'GLUTAMIC ACID'              ? 'C5 H9 N O4'     147.129 
HIS 'L-peptide linking' y HISTIDINE                    ? 'C6 H10 N3 O2 1' 156.162 
HOH non-polymer         . WATER                        ? 'H2 O'           18.015  
LEU 'L-peptide linking' y LEUCINE                      ? 'C6 H13 N O2'    131.173 
NH2 non-polymer         . 'AMINO GROUP'                ? 'H2 N'           16.023  
# 
loop_
_pdbx_poly_seq_scheme.asym_id 
_pdbx_poly_seq_scheme.entity_id 
_pdbx_poly_seq_scheme.seq_id 
_pdbx_poly_seq_scheme.mon_id 
_pdbx_poly_seq_scheme.ndb_seq_num 
_pdbx_poly_seq_scheme.pdb_seq_num 
_pdbx_poly_seq_scheme.auth_seq_num 
_pdbx_poly_seq_scheme.pdb_mon_id 
_pdbx_poly_seq_scheme.auth_mon_id 
_pdbx_poly_seq_scheme.pdb_strand_id 
_pdbx_poly_seq_scheme.pdb_ins_code 
_pdbx_poly_seq_scheme.hetero 
A 1 1  ACE 1  1  1  ACE ACY A . n 
A 1 2  LEU 2  2  2  LEU LEU A . n 
A 1 3  AIB 3  3  3  AIB AIB A . n 
A 1 4  GLU 4  4  4  GLU GLU A . n 
A 1 5  AIB 5  5  5  AIB AIB A . n 
A 1 6  LEU 6  6  6  LEU LEU A . n 
A 1 7  HIS 7  7  7  HIS HIS A . n 
A 1 8  ASP 8  8  8  ASP ASP A . n 
A 1 9  AIB 9  9  9  AIB AIB A . n 
A 1 10 LEU 10 10 10 LEU LEU A . n 
A 1 11 NH2 11 11 11 NH2 NH3 A . n 
B 1 1  ACE 1  1  1  ACE ACY B . n 
B 1 2  LEU 2  2  2  LEU LEU B . n 
B 1 3  AIB 3  3  3  AIB AIB B . n 
B 1 4  GLU 4  4  4  GLU GLU B . n 
B 1 5  AIB 5  5  5  AIB AIB B . n 
B 1 6  LEU 6  6  6  LEU LEU B . n 
B 1 7  HIS 7  7  7  HIS HIS B . n 
B 1 8  ASP 8  8  8  ASP ASP B . n 
B 1 9  AIB 9  9  9  AIB AIB B . n 
B 1 10 LEU 10 10 10 LEU LEU B . n 
B 1 11 NH2 11 11 11 NH2 NH3 B . n 
# 
loop_
_pdbx_nonpoly_scheme.asym_id 
_pdbx_nonpoly_scheme.entity_id 
_pdbx_nonpoly_scheme.mon_id 
_pdbx_nonpoly_scheme.ndb_seq_num 
_pdbx_nonpoly_scheme.pdb_seq_num 
_pdbx_nonpoly_scheme.auth_seq_num 
_pdbx_nonpoly_scheme.pdb_mon_id 
_pdbx_nonpoly_scheme.auth_mon_id 
_pdbx_nonpoly_scheme.pdb_strand_id 
_pdbx_nonpoly_scheme.pdb_ins_code 
C 2 CO  1 101 1  CO  CO  A . 
D 3 CCN 1 101 11 CCN CCN B . 
E 4 HOH 1 201 6  HOH HOH A . 
E 4 HOH 2 202 5  HOH HOH A . 
E 4 HOH 3 203 3  HOH HOH A . 
E 4 HOH 4 204 1  HOH HOH A . 
E 4 HOH 5 205 10 HOH HOH A . 
E 4 HOH 6 206 4  HOH HOH A . 
F 4 HOH 1 201 7  HOH HOH B . 
F 4 HOH 2 202 2  HOH HOH B . 
F 4 HOH 3 203 8  HOH HOH B . 
F 4 HOH 4 204 9  HOH HOH B . 
# 
loop_
_software.citation_id 
_software.classification 
_software.compiler_name 
_software.compiler_version 
_software.contact_author 
_software.contact_author_email 
_software.date 
_software.description 
_software.dependencies 
_software.hardware 
_software.language 
_software.location 
_software.mods 
_software.name 
_software.os 
_software.os_version 
_software.type 
_software.version 
_software.pdbx_ordinal 
? refinement       ? ? ? ? ? ? ? ? ? ? ? PHENIX ? ? ? 1.20.1_4487 1 
? 'data reduction' ? ? ? ? ? ? ? ? ? ? ? XDS    ? ? ? .           2 
? 'data scaling'   ? ? ? ? ? ? ? ? ? ? ? XDS    ? ? ? .           3 
? phasing          ? ? ? ? ? ? ? ? ? ? ? PHASER ? ? ? .           4 
# 
_cell.angle_alpha                  90.000 
_cell.angle_alpha_esd              ? 
_cell.angle_beta                   107.770 
_cell.angle_beta_esd               ? 
_cell.angle_gamma                  90.000 
_cell.angle_gamma_esd              ? 
_cell.entry_id                     9MEO 
_cell.details                      ? 
_cell.formula_units_Z              ? 
_cell.length_a                     10.104 
_cell.length_a_esd                 ? 
_cell.length_b                     41.902 
_cell.length_b_esd                 ? 
_cell.length_c                     16.276 
_cell.length_c_esd                 ? 
_cell.volume                       6562.128 
_cell.volume_esd                   ? 
_cell.Z_PDB                        4 
_cell.reciprocal_angle_alpha       ? 
_cell.reciprocal_angle_beta        ? 
_cell.reciprocal_angle_gamma       ? 
_cell.reciprocal_angle_alpha_esd   ? 
_cell.reciprocal_angle_beta_esd    ? 
_cell.reciprocal_angle_gamma_esd   ? 
_cell.reciprocal_length_a          ? 
_cell.reciprocal_length_b          ? 
_cell.reciprocal_length_c          ? 
_cell.reciprocal_length_a_esd      ? 
_cell.reciprocal_length_b_esd      ? 
_cell.reciprocal_length_c_esd      ? 
_cell.pdbx_unique_axis             ? 
_cell.pdbx_esd_method              ? 
# 
_symmetry.entry_id                         9MEO 
_symmetry.cell_setting                     ? 
_symmetry.Int_Tables_number                4 
_symmetry.space_group_name_Hall            'P 2yb' 
_symmetry.space_group_name_H-M             'P 1 21 1' 
_symmetry.pdbx_full_space_group_name_H-M   ? 
# 
_exptl.absorpt_coefficient_mu     ? 
_exptl.absorpt_correction_T_max   ? 
_exptl.absorpt_correction_T_min   ? 
_exptl.absorpt_correction_type    ? 
_exptl.absorpt_process_details    ? 
_exptl.entry_id                   9MEO 
_exptl.crystals_number            1 
_exptl.details                    ? 
_exptl.method                     'X-RAY DIFFRACTION' 
_exptl.method_details             ? 
# 
_exptl_crystal.colour                       ? 
_exptl_crystal.density_diffrn               ? 
_exptl_crystal.density_Matthews             1.58 
_exptl_crystal.density_method               ? 
_exptl_crystal.density_percent_sol          22.31 
_exptl_crystal.description                  ? 
_exptl_crystal.F_000                        ? 
_exptl_crystal.id                           1 
_exptl_crystal.preparation                  ? 
_exptl_crystal.size_max                     ? 
_exptl_crystal.size_mid                     ? 
_exptl_crystal.size_min                     ? 
_exptl_crystal.size_rad                     ? 
_exptl_crystal.colour_lustre                ? 
_exptl_crystal.colour_modifier              ? 
_exptl_crystal.colour_primary               ? 
_exptl_crystal.density_meas                 ? 
_exptl_crystal.density_meas_esd             ? 
_exptl_crystal.density_meas_gt              ? 
_exptl_crystal.density_meas_lt              ? 
_exptl_crystal.density_meas_temp            ? 
_exptl_crystal.density_meas_temp_esd        ? 
_exptl_crystal.density_meas_temp_gt         ? 
_exptl_crystal.density_meas_temp_lt         ? 
_exptl_crystal.pdbx_crystal_image_url       ? 
_exptl_crystal.pdbx_crystal_image_format    ? 
_exptl_crystal.pdbx_mosaicity               ? 
_exptl_crystal.pdbx_mosaicity_esd           ? 
_exptl_crystal.pdbx_mosaic_method           ? 
_exptl_crystal.pdbx_mosaic_block_size       ? 
_exptl_crystal.pdbx_mosaic_block_size_esd   ? 
# 
_exptl_crystal_grow.apparatus       ? 
_exptl_crystal_grow.atmosphere      ? 
_exptl_crystal_grow.crystal_id      1 
_exptl_crystal_grow.details         ? 
_exptl_crystal_grow.method          'SLOW COOLING' 
_exptl_crystal_grow.method_ref      ? 
_exptl_crystal_grow.pH              ? 
_exptl_crystal_grow.pressure        ? 
_exptl_crystal_grow.pressure_esd    ? 
_exptl_crystal_grow.seeding         ? 
_exptl_crystal_grow.seeding_ref     ? 
_exptl_crystal_grow.temp_details    ? 
_exptl_crystal_grow.temp_esd        ? 
_exptl_crystal_grow.time            ? 
_exptl_crystal_grow.pdbx_details    'water, acetonitrile, cobalt acetate, acetic acid' 
_exptl_crystal_grow.pdbx_pH_range   ? 
_exptl_crystal_grow.temp            298 
# 
_diffrn.ambient_environment              ? 
_diffrn.ambient_temp                     100 
_diffrn.ambient_temp_details             ? 
_diffrn.ambient_temp_esd                 ? 
_diffrn.crystal_id                       1 
_diffrn.crystal_support                  ? 
_diffrn.crystal_treatment                ? 
_diffrn.details                          ? 
_diffrn.id                               1 
_diffrn.ambient_pressure                 ? 
_diffrn.ambient_pressure_esd             ? 
_diffrn.ambient_pressure_gt              ? 
_diffrn.ambient_pressure_lt              ? 
_diffrn.ambient_temp_gt                  ? 
_diffrn.ambient_temp_lt                  ? 
_diffrn.pdbx_serial_crystal_experiment   N 
# 
_diffrn_detector.details                      ? 
_diffrn_detector.detector                     PIXEL 
_diffrn_detector.diffrn_id                    1 
_diffrn_detector.type                         'DECTRIS EIGER X 9M' 
_diffrn_detector.area_resol_mean              ? 
_diffrn_detector.dtime                        ? 
_diffrn_detector.pdbx_frames_total            ? 
_diffrn_detector.pdbx_collection_time_total   ? 
_diffrn_detector.pdbx_collection_date         2024-06-12 
_diffrn_detector.pdbx_frequency               ? 
_diffrn_detector.id                           ? 
_diffrn_detector.number_of_axes               ? 
# 
_diffrn_radiation.collimation                      ? 
_diffrn_radiation.diffrn_id                        1 
_diffrn_radiation.filter_edge                      ? 
_diffrn_radiation.inhomogeneity                    ? 
_diffrn_radiation.monochromator                    ? 
_diffrn_radiation.polarisn_norm                    ? 
_diffrn_radiation.polarisn_ratio                   ? 
_diffrn_radiation.probe                            ? 
_diffrn_radiation.type                             ? 
_diffrn_radiation.xray_symbol                      ? 
_diffrn_radiation.wavelength_id                    1 
_diffrn_radiation.pdbx_monochromatic_or_laue_m_l   M 
_diffrn_radiation.pdbx_wavelength_list             ? 
_diffrn_radiation.pdbx_wavelength                  ? 
_diffrn_radiation.pdbx_diffrn_protocol             'SINGLE WAVELENGTH' 
_diffrn_radiation.pdbx_analyzer                    ? 
_diffrn_radiation.pdbx_scattering_type             x-ray 
# 
_diffrn_radiation_wavelength.id           1 
_diffrn_radiation_wavelength.wavelength   0.688790 
_diffrn_radiation_wavelength.wt           1.0 
# 
_diffrn_source.current                     ? 
_diffrn_source.details                     ? 
_diffrn_source.diffrn_id                   1 
_diffrn_source.power                       ? 
_diffrn_source.size                        ? 
_diffrn_source.source                      SYNCHROTRON 
_diffrn_source.target                      ? 
_diffrn_source.type                        'NSLS-II BEAMLINE 17-ID-1' 
_diffrn_source.voltage                     ? 
_diffrn_source.take-off_angle              ? 
_diffrn_source.pdbx_wavelength_list        0.688790 
_diffrn_source.pdbx_wavelength             ? 
_diffrn_source.pdbx_synchrotron_beamline   17-ID-1 
_diffrn_source.pdbx_synchrotron_site       NSLS-II 
# 
_reflns.B_iso_Wilson_estimate                          6.96 
_reflns.entry_id                                       9MEO 
_reflns.data_reduction_details                         ? 
_reflns.data_reduction_method                          ? 
_reflns.d_resolution_high                              0.85 
_reflns.d_resolution_low                               15.5 
_reflns.details                                        ? 
_reflns.limit_h_max                                    ? 
_reflns.limit_h_min                                    ? 
_reflns.limit_k_max                                    ? 
_reflns.limit_k_min                                    ? 
_reflns.limit_l_max                                    ? 
_reflns.limit_l_min                                    ? 
_reflns.number_all                                     ? 
_reflns.number_obs                                     11345 
_reflns.observed_criterion                             ? 
_reflns.observed_criterion_F_max                       ? 
_reflns.observed_criterion_F_min                       ? 
_reflns.observed_criterion_I_max                       ? 
_reflns.observed_criterion_I_min                       ? 
_reflns.observed_criterion_sigma_F                     ? 
_reflns.observed_criterion_sigma_I                     ? 
_reflns.percent_possible_obs                           99.79 
_reflns.R_free_details                                 ? 
_reflns.Rmerge_F_all                                   ? 
_reflns.Rmerge_F_obs                                   ? 
_reflns.Friedel_coverage                               ? 
_reflns.number_gt                                      ? 
_reflns.threshold_expression                           ? 
_reflns.pdbx_redundancy                                6.6 
_reflns.pdbx_netI_over_av_sigmaI                       ? 
_reflns.pdbx_netI_over_sigmaI                          5.31 
_reflns.pdbx_res_netI_over_av_sigmaI_2                 ? 
_reflns.pdbx_res_netI_over_sigmaI_2                    ? 
_reflns.pdbx_chi_squared                               ? 
_reflns.pdbx_scaling_rejects                           ? 
_reflns.pdbx_d_res_high_opt                            ? 
_reflns.pdbx_d_res_low_opt                             ? 
_reflns.pdbx_d_res_opt_method                          ? 
_reflns.phase_calculation_details                      ? 
_reflns.pdbx_Rrim_I_all                                ? 
_reflns.pdbx_Rpim_I_all                                ? 
_reflns.pdbx_d_opt                                     ? 
_reflns.pdbx_number_measured_all                       ? 
_reflns.pdbx_diffrn_id                                 1 
_reflns.pdbx_ordinal                                   1 
_reflns.pdbx_CC_half                                   0.996 
_reflns.pdbx_CC_star                                   ? 
_reflns.pdbx_R_split                                   ? 
_reflns.pdbx_Rmerge_I_obs                              ? 
_reflns.pdbx_Rmerge_I_all                              ? 
_reflns.pdbx_Rsym_value                                ? 
_reflns.pdbx_CC_split_method                           ? 
_reflns.pdbx_aniso_diffraction_limit_axis_1_ortho[1]   ? 
_reflns.pdbx_aniso_diffraction_limit_axis_1_ortho[2]   ? 
_reflns.pdbx_aniso_diffraction_limit_axis_1_ortho[3]   ? 
_reflns.pdbx_aniso_diffraction_limit_axis_2_ortho[1]   ? 
_reflns.pdbx_aniso_diffraction_limit_axis_2_ortho[2]   ? 
_reflns.pdbx_aniso_diffraction_limit_axis_2_ortho[3]   ? 
_reflns.pdbx_aniso_diffraction_limit_axis_3_ortho[1]   ? 
_reflns.pdbx_aniso_diffraction_limit_axis_3_ortho[2]   ? 
_reflns.pdbx_aniso_diffraction_limit_axis_3_ortho[3]   ? 
_reflns.pdbx_aniso_diffraction_limit_1                 ? 
_reflns.pdbx_aniso_diffraction_limit_2                 ? 
_reflns.pdbx_aniso_diffraction_limit_3                 ? 
_reflns.pdbx_aniso_B_tensor_eigenvector_1_ortho[1]     ? 
_reflns.pdbx_aniso_B_tensor_eigenvector_1_ortho[2]     ? 
_reflns.pdbx_aniso_B_tensor_eigenvector_1_ortho[3]     ? 
_reflns.pdbx_aniso_B_tensor_eigenvector_2_ortho[1]     ? 
_reflns.pdbx_aniso_B_tensor_eigenvector_2_ortho[2]     ? 
_reflns.pdbx_aniso_B_tensor_eigenvector_2_ortho[3]     ? 
_reflns.pdbx_aniso_B_tensor_eigenvector_3_ortho[1]     ? 
_reflns.pdbx_aniso_B_tensor_eigenvector_3_ortho[2]     ? 
_reflns.pdbx_aniso_B_tensor_eigenvector_3_ortho[3]     ? 
_reflns.pdbx_aniso_B_tensor_eigenvalue_1               ? 
_reflns.pdbx_aniso_B_tensor_eigenvalue_2               ? 
_reflns.pdbx_aniso_B_tensor_eigenvalue_3               ? 
_reflns.pdbx_orthogonalization_convention              ? 
_reflns.pdbx_percent_possible_ellipsoidal              ? 
_reflns.pdbx_percent_possible_spherical                ? 
_reflns.pdbx_percent_possible_ellipsoidal_anomalous    ? 
_reflns.pdbx_percent_possible_spherical_anomalous      ? 
_reflns.pdbx_redundancy_anomalous                      ? 
_reflns.pdbx_CC_half_anomalous                         ? 
_reflns.pdbx_absDiff_over_sigma_anomalous              ? 
_reflns.pdbx_percent_possible_anomalous                ? 
_reflns.pdbx_observed_signal_threshold                 ? 
_reflns.pdbx_signal_type                               ? 
_reflns.pdbx_signal_details                            ? 
_reflns.pdbx_signal_software_id                        ? 
# 
_reflns_shell.d_res_high                                    0.85 
_reflns_shell.d_res_low                                     0.8804 
_reflns_shell.meanI_over_sigI_all                           ? 
_reflns_shell.meanI_over_sigI_obs                           ? 
_reflns_shell.number_measured_all                           ? 
_reflns_shell.number_measured_obs                           ? 
_reflns_shell.number_possible                               ? 
_reflns_shell.number_unique_all                             ? 
_reflns_shell.number_unique_obs                             1102 
_reflns_shell.percent_possible_obs                          ? 
_reflns_shell.Rmerge_F_all                                  ? 
_reflns_shell.Rmerge_F_obs                                  ? 
_reflns_shell.meanI_over_sigI_gt                            ? 
_reflns_shell.meanI_over_uI_all                             ? 
_reflns_shell.meanI_over_uI_gt                              ? 
_reflns_shell.number_measured_gt                            ? 
_reflns_shell.number_unique_gt                              ? 
_reflns_shell.percent_possible_gt                           ? 
_reflns_shell.Rmerge_F_gt                                   ? 
_reflns_shell.Rmerge_I_gt                                   ? 
_reflns_shell.pdbx_redundancy                               ? 
_reflns_shell.pdbx_chi_squared                              ? 
_reflns_shell.pdbx_netI_over_sigmaI_all                     ? 
_reflns_shell.pdbx_netI_over_sigmaI_obs                     ? 
_reflns_shell.pdbx_Rrim_I_all                               ? 
_reflns_shell.pdbx_Rpim_I_all                               ? 
_reflns_shell.pdbx_rejects                                  ? 
_reflns_shell.pdbx_ordinal                                  1 
_reflns_shell.pdbx_diffrn_id                                1 
_reflns_shell.pdbx_CC_half                                  0.423 
_reflns_shell.pdbx_CC_star                                  ? 
_reflns_shell.pdbx_R_split                                  ? 
_reflns_shell.percent_possible_all                          ? 
_reflns_shell.Rmerge_I_all                                  ? 
_reflns_shell.Rmerge_I_obs                                  ? 
_reflns_shell.pdbx_Rsym_value                               ? 
_reflns_shell.pdbx_percent_possible_ellipsoidal             ? 
_reflns_shell.pdbx_percent_possible_spherical               ? 
_reflns_shell.pdbx_percent_possible_ellipsoidal_anomalous   ? 
_reflns_shell.pdbx_percent_possible_spherical_anomalous     ? 
_reflns_shell.pdbx_redundancy_anomalous                     ? 
_reflns_shell.pdbx_CC_half_anomalous                        ? 
_reflns_shell.pdbx_absDiff_over_sigma_anomalous             ? 
_reflns_shell.pdbx_percent_possible_anomalous               ? 
# 
_refine.aniso_B[1][1]                            ? 
_refine.aniso_B[1][2]                            ? 
_refine.aniso_B[1][3]                            ? 
_refine.aniso_B[2][2]                            ? 
_refine.aniso_B[2][3]                            ? 
_refine.aniso_B[3][3]                            ? 
_refine.B_iso_max                                ? 
_refine.B_iso_mean                               7.00 
_refine.B_iso_min                                ? 
_refine.correlation_coeff_Fo_to_Fc               ? 
_refine.correlation_coeff_Fo_to_Fc_free          ? 
_refine.details                                  ? 
_refine.diff_density_max                         ? 
_refine.diff_density_max_esd                     ? 
_refine.diff_density_min                         ? 
_refine.diff_density_min_esd                     ? 
_refine.diff_density_rms                         ? 
_refine.diff_density_rms_esd                     ? 
_refine.entry_id                                 9MEO 
_refine.pdbx_refine_id                           'X-RAY DIFFRACTION' 
_refine.ls_abs_structure_details                 ? 
_refine.ls_abs_structure_Flack                   ? 
_refine.ls_abs_structure_Flack_esd               ? 
_refine.ls_abs_structure_Rogers                  ? 
_refine.ls_abs_structure_Rogers_esd              ? 
_refine.ls_d_res_high                            0.85 
_refine.ls_d_res_low                             15.50 
_refine.ls_extinction_coef                       ? 
_refine.ls_extinction_coef_esd                   ? 
_refine.ls_extinction_expression                 ? 
_refine.ls_extinction_method                     ? 
_refine.ls_goodness_of_fit_all                   ? 
_refine.ls_goodness_of_fit_all_esd               ? 
_refine.ls_goodness_of_fit_obs                   ? 
_refine.ls_goodness_of_fit_obs_esd               ? 
_refine.ls_hydrogen_treatment                    ? 
_refine.ls_matrix_type                           ? 
_refine.ls_number_constraints                    ? 
_refine.ls_number_parameters                     ? 
_refine.ls_number_reflns_all                     ? 
_refine.ls_number_reflns_obs                     11345 
_refine.ls_number_reflns_R_free                  2216 
_refine.ls_number_reflns_R_work                  20013 
_refine.ls_number_restraints                     ? 
_refine.ls_percent_reflns_obs                    99.38 
_refine.ls_percent_reflns_R_free                 9.97 
_refine.ls_R_factor_all                          ? 
_refine.ls_R_factor_obs                          0.2093 
_refine.ls_R_factor_R_free                       0.2288 
_refine.ls_R_factor_R_free_error                 ? 
_refine.ls_R_factor_R_free_error_details         ? 
_refine.ls_R_factor_R_work                       0.2071 
_refine.ls_R_Fsqd_factor_obs                     ? 
_refine.ls_R_I_factor_obs                        ? 
_refine.ls_redundancy_reflns_all                 ? 
_refine.ls_redundancy_reflns_obs                 ? 
_refine.ls_restrained_S_all                      ? 
_refine.ls_restrained_S_obs                      ? 
_refine.ls_shift_over_esd_max                    ? 
_refine.ls_shift_over_esd_mean                   ? 
_refine.ls_structure_factor_coef                 ? 
_refine.ls_weighting_details                     ? 
_refine.ls_weighting_scheme                      ? 
_refine.ls_wR_factor_all                         ? 
_refine.ls_wR_factor_obs                         ? 
_refine.ls_wR_factor_R_free                      ? 
_refine.ls_wR_factor_R_work                      ? 
_refine.occupancy_max                            ? 
_refine.occupancy_min                            ? 
_refine.solvent_model_details                    'FLAT BULK SOLVENT MODEL' 
_refine.solvent_model_param_bsol                 ? 
_refine.solvent_model_param_ksol                 ? 
_refine.pdbx_R_complete                          ? 
_refine.ls_R_factor_gt                           ? 
_refine.ls_goodness_of_fit_gt                    ? 
_refine.ls_goodness_of_fit_ref                   ? 
_refine.ls_shift_over_su_max                     ? 
_refine.ls_shift_over_su_max_lt                  ? 
_refine.ls_shift_over_su_mean                    ? 
_refine.ls_shift_over_su_mean_lt                 ? 
_refine.pdbx_ls_sigma_I                          ? 
_refine.pdbx_ls_sigma_F                          1.35 
_refine.pdbx_ls_sigma_Fsqd                       ? 
_refine.pdbx_data_cutoff_high_absF               ? 
_refine.pdbx_data_cutoff_high_rms_absF           ? 
_refine.pdbx_data_cutoff_low_absF                ? 
_refine.pdbx_isotropic_thermal_model             ? 
_refine.pdbx_ls_cross_valid_method               'FREE R-VALUE' 
_refine.pdbx_method_to_determine_struct          'MOLECULAR REPLACEMENT' 
_refine.pdbx_starting_model                      ? 
_refine.pdbx_stereochemistry_target_values       'GeoStd + Monomer Library + CDL v1.2' 
_refine.pdbx_R_Free_selection_details            ? 
_refine.pdbx_stereochem_target_val_spec_case     ? 
_refine.pdbx_overall_ESU_R                       ? 
_refine.pdbx_overall_ESU_R_Free                  ? 
_refine.pdbx_solvent_vdw_probe_radii             1.1000 
_refine.pdbx_solvent_ion_probe_radii             ? 
_refine.pdbx_solvent_shrinkage_radii             0.9000 
_refine.pdbx_real_space_R                        ? 
_refine.pdbx_density_correlation                 ? 
_refine.pdbx_pd_number_of_powder_patterns        ? 
_refine.pdbx_pd_number_of_points                 ? 
_refine.pdbx_pd_meas_number_of_points            ? 
_refine.pdbx_pd_proc_ls_prof_R_factor            ? 
_refine.pdbx_pd_proc_ls_prof_wR_factor           ? 
_refine.pdbx_pd_Marquardt_correlation_coeff      ? 
_refine.pdbx_pd_Fsqrd_R_factor                   ? 
_refine.pdbx_pd_ls_matrix_band_width             ? 
_refine.pdbx_overall_phase_error                 29.3561 
_refine.pdbx_overall_SU_R_free_Cruickshank_DPI   ? 
_refine.pdbx_overall_SU_R_free_Blow_DPI          ? 
_refine.pdbx_overall_SU_R_Blow_DPI               ? 
_refine.pdbx_TLS_residual_ADP_flag               ? 
_refine.pdbx_diffrn_id                           1 
_refine.overall_SU_B                             ? 
_refine.overall_SU_ML                            0.1235 
_refine.overall_SU_R_Cruickshank_DPI             ? 
_refine.overall_SU_R_free                        ? 
_refine.overall_FOM_free_R_set                   ? 
_refine.overall_FOM_work_R_set                   ? 
_refine.pdbx_average_fsc_overall                 ? 
_refine.pdbx_average_fsc_work                    ? 
_refine.pdbx_average_fsc_free                    ? 
# 
_refine_hist.pdbx_refine_id                   'X-RAY DIFFRACTION' 
_refine_hist.cycle_id                         LAST 
_refine_hist.details                          ? 
_refine_hist.d_res_high                       0.85 
_refine_hist.d_res_low                        15.50 
_refine_hist.number_atoms_solvent             10 
_refine_hist.number_atoms_total               160 
_refine_hist.number_reflns_all                ? 
_refine_hist.number_reflns_obs                ? 
_refine_hist.number_reflns_R_free             ? 
_refine_hist.number_reflns_R_work             ? 
_refine_hist.R_factor_all                     ? 
_refine_hist.R_factor_obs                     ? 
_refine_hist.R_factor_R_free                  ? 
_refine_hist.R_factor_R_work                  ? 
_refine_hist.pdbx_number_residues_total       ? 
_refine_hist.pdbx_B_iso_mean_ligand           ? 
_refine_hist.pdbx_B_iso_mean_solvent          ? 
_refine_hist.pdbx_number_atoms_protein        138 
_refine_hist.pdbx_number_atoms_nucleic_acid   0 
_refine_hist.pdbx_number_atoms_ligand         12 
_refine_hist.pdbx_number_atoms_lipid          ? 
_refine_hist.pdbx_number_atoms_carb           ? 
_refine_hist.pdbx_pseudo_atom_details         ? 
# 
loop_
_refine_ls_restr.pdbx_refine_id 
_refine_ls_restr.criterion 
_refine_ls_restr.dev_ideal 
_refine_ls_restr.dev_ideal_target 
_refine_ls_restr.number 
_refine_ls_restr.rejects 
_refine_ls_restr.type 
_refine_ls_restr.weight 
_refine_ls_restr.pdbx_restraint_function 
'X-RAY DIFFRACTION' ? 0.0055  ? 144 ? f_bond_d           ? ? 
'X-RAY DIFFRACTION' ? 1.4710  ? 199 ? f_angle_d          ? ? 
'X-RAY DIFFRACTION' ? 0.0582  ? 18  ? f_chiral_restr     ? ? 
'X-RAY DIFFRACTION' ? 0.0054  ? 22  ? f_plane_restr      ? ? 
'X-RAY DIFFRACTION' ? 19.1371 ? 48  ? f_dihedral_angle_d ? ? 
# 
loop_
_refine_ls_shell.pdbx_refine_id 
_refine_ls_shell.d_res_high 
_refine_ls_shell.d_res_low 
_refine_ls_shell.number_reflns_all 
_refine_ls_shell.number_reflns_obs 
_refine_ls_shell.number_reflns_R_free 
_refine_ls_shell.number_reflns_R_work 
_refine_ls_shell.percent_reflns_obs 
_refine_ls_shell.percent_reflns_R_free 
_refine_ls_shell.R_factor_all 
_refine_ls_shell.R_factor_obs 
_refine_ls_shell.R_factor_R_free_error 
_refine_ls_shell.R_factor_R_work 
_refine_ls_shell.redundancy_reflns_all 
_refine_ls_shell.redundancy_reflns_obs 
_refine_ls_shell.wR_factor_all 
_refine_ls_shell.wR_factor_obs 
_refine_ls_shell.wR_factor_R_free 
_refine_ls_shell.wR_factor_R_work 
_refine_ls_shell.pdbx_R_complete 
_refine_ls_shell.pdbx_total_number_of_bins_used 
_refine_ls_shell.pdbx_phase_error 
_refine_ls_shell.pdbx_fsc_work 
_refine_ls_shell.pdbx_fsc_free 
_refine_ls_shell.R_factor_R_free 
'X-RAY DIFFRACTION' 0.85 0.87  . . 128 1191 96.00  . . . . 0.3968 . . . . . . . . . . . 0.4188 
'X-RAY DIFFRACTION' 0.87 0.89  . . 141 1220 97.98  . . . . 0.3934 . . . . . . . . . . . 0.3256 
'X-RAY DIFFRACTION' 0.89 0.91  . . 151 1300 99.25  . . . . 0.3638 . . . . . . . . . . . 0.3489 
'X-RAY DIFFRACTION' 0.91 0.94  . . 143 1216 99.49  . . . . 0.3474 . . . . . . . . . . . 0.3625 
'X-RAY DIFFRACTION' 0.94 0.96  . . 140 1246 99.50  . . . . 0.3225 . . . . . . . . . . . 0.3047 
'X-RAY DIFFRACTION' 0.96 0.99  . . 134 1259 100.00 . . . . 0.2977 . . . . . . . . . . . 0.3230 
'X-RAY DIFFRACTION' 0.99 1.03  . . 140 1270 99.44  . . . . 0.2879 . . . . . . . . . . . 0.3053 
'X-RAY DIFFRACTION' 1.03 1.07  . . 137 1223 100.00 . . . . 0.2607 . . . . . . . . . . . 0.2813 
'X-RAY DIFFRACTION' 1.07 1.12  . . 131 1304 100.00 . . . . 0.2614 . . . . . . . . . . . 0.2633 
'X-RAY DIFFRACTION' 1.12 1.18  . . 136 1226 99.93  . . . . 0.2358 . . . . . . . . . . . 0.2689 
'X-RAY DIFFRACTION' 1.18 1.25  . . 155 1292 99.72  . . . . 0.2284 . . . . . . . . . . . 0.2421 
'X-RAY DIFFRACTION' 1.25 1.35  . . 141 1237 99.71  . . . . 0.2174 . . . . . . . . . . . 0.2257 
'X-RAY DIFFRACTION' 1.35 1.48  . . 138 1255 99.71  . . . . 0.2168 . . . . . . . . . . . 0.2441 
'X-RAY DIFFRACTION' 1.49 1.70  . . 138 1243 99.93  . . . . 0.1787 . . . . . . . . . . . 0.2136 
'X-RAY DIFFRACTION' 1.70 2.14  . . 131 1261 99.86  . . . . 0.1757 . . . . . . . . . . . 0.1997 
'X-RAY DIFFRACTION' 2.14 15.50 . . 132 1270 99.79  . . . . 0.1350 . . . . . . . . . . . 0.1599 
# 
_struct.entry_id                     9MEO 
_struct.title                        'Co-MAHF-9 A8D Metal Alpha-Helix Framework' 
_struct.pdbx_model_details           ? 
_struct.pdbx_formula_weight          ? 
_struct.pdbx_formula_weight_method   ? 
_struct.pdbx_model_type_details      ? 
_struct.pdbx_CASP_flag               N 
# 
_struct_keywords.entry_id        9MEO 
_struct_keywords.text            'synthetic construct, DE NOVO PROTEIN' 
_struct_keywords.pdbx_keywords   'DE NOVO PROTEIN' 
# 
loop_
_struct_asym.id 
_struct_asym.pdbx_blank_PDB_chainid_flag 
_struct_asym.pdbx_modified 
_struct_asym.entity_id 
_struct_asym.details 
A N N 1 ? 
B N N 1 ? 
C N N 2 ? 
D N N 3 ? 
E N N 4 ? 
F N N 4 ? 
# 
_struct_ref.id                         1 
_struct_ref.db_name                    PDB 
_struct_ref.db_code                    9MEO 
_struct_ref.pdbx_db_accession          9MEO 
_struct_ref.pdbx_db_isoform            ? 
_struct_ref.entity_id                  1 
_struct_ref.pdbx_seq_one_letter_code   ? 
_struct_ref.pdbx_align_begin           1 
# 
loop_
_struct_ref_seq.align_id 
_struct_ref_seq.ref_id 
_struct_ref_seq.pdbx_PDB_id_code 
_struct_ref_seq.pdbx_strand_id 
_struct_ref_seq.seq_align_beg 
_struct_ref_seq.pdbx_seq_align_beg_ins_code 
_struct_ref_seq.seq_align_end 
_struct_ref_seq.pdbx_seq_align_end_ins_code 
_struct_ref_seq.pdbx_db_accession 
_struct_ref_seq.db_align_beg 
_struct_ref_seq.pdbx_db_align_beg_ins_code 
_struct_ref_seq.db_align_end 
_struct_ref_seq.pdbx_db_align_end_ins_code 
_struct_ref_seq.pdbx_auth_seq_align_beg 
_struct_ref_seq.pdbx_auth_seq_align_end 
1 1 9MEO A 1 ? 11 ? 9MEO 1 ? 11 ? 1 11 
2 1 9MEO B 1 ? 11 ? 9MEO 1 ? 11 ? 1 11 
# 
loop_
_pdbx_struct_assembly.id 
_pdbx_struct_assembly.details 
_pdbx_struct_assembly.method_details 
_pdbx_struct_assembly.oligomeric_details 
_pdbx_struct_assembly.oligomeric_count 
1 author_and_software_defined_assembly PISA monomeric 1 
2 author_and_software_defined_assembly PISA monomeric 1 
# 
loop_
_pdbx_struct_assembly_gen.assembly_id 
_pdbx_struct_assembly_gen.oper_expression 
_pdbx_struct_assembly_gen.asym_id_list 
1 1 A,C,E 
2 1 B,D,F 
# 
_pdbx_struct_assembly_auth_evidence.id                     1 
_pdbx_struct_assembly_auth_evidence.assembly_id            1 
_pdbx_struct_assembly_auth_evidence.experimental_support   none 
_pdbx_struct_assembly_auth_evidence.details                ? 
# 
_pdbx_struct_oper_list.id                   1 
_pdbx_struct_oper_list.type                 'identity operation' 
_pdbx_struct_oper_list.name                 1_555 
_pdbx_struct_oper_list.symmetry_operation   x,y,z 
_pdbx_struct_oper_list.matrix[1][1]         1.0000000000 
_pdbx_struct_oper_list.matrix[1][2]         0.0000000000 
_pdbx_struct_oper_list.matrix[1][3]         0.0000000000 
_pdbx_struct_oper_list.vector[1]            0.0000000000 
_pdbx_struct_oper_list.matrix[2][1]         0.0000000000 
_pdbx_struct_oper_list.matrix[2][2]         1.0000000000 
_pdbx_struct_oper_list.matrix[2][3]         0.0000000000 
_pdbx_struct_oper_list.vector[2]            0.0000000000 
_pdbx_struct_oper_list.matrix[3][1]         0.0000000000 
_pdbx_struct_oper_list.matrix[3][2]         0.0000000000 
_pdbx_struct_oper_list.matrix[3][3]         1.0000000000 
_pdbx_struct_oper_list.vector[3]            0.0000000000 
# 
loop_
_struct_conf.conf_type_id 
_struct_conf.id 
_struct_conf.pdbx_PDB_helix_id 
_struct_conf.beg_label_comp_id 
_struct_conf.beg_label_asym_id 
_struct_conf.beg_label_seq_id 
_struct_conf.pdbx_beg_PDB_ins_code 
_struct_conf.end_label_comp_id 
_struct_conf.end_label_asym_id 
_struct_conf.end_label_seq_id 
_struct_conf.pdbx_end_PDB_ins_code 
_struct_conf.beg_auth_comp_id 
_struct_conf.beg_auth_asym_id 
_struct_conf.beg_auth_seq_id 
_struct_conf.end_auth_comp_id 
_struct_conf.end_auth_asym_id 
_struct_conf.end_auth_seq_id 
_struct_conf.pdbx_PDB_helix_class 
_struct_conf.details 
_struct_conf.pdbx_PDB_helix_length 
HELX_P HELX_P1 AA1 LEU A 2 ? LEU A 10 ? LEU A 2 LEU A 10 1 ? 9 
HELX_P HELX_P2 AA2 LEU B 2 ? LEU B 10 ? LEU B 2 LEU B 10 1 ? 9 
# 
_struct_conf_type.id          HELX_P 
_struct_conf_type.criteria    ? 
_struct_conf_type.reference   ? 
# 
loop_
_struct_conn.id 
_struct_conn.conn_type_id 
_struct_conn.pdbx_leaving_atom_flag 
_struct_conn.pdbx_PDB_id 
_struct_conn.ptnr1_label_asym_id 
_struct_conn.ptnr1_label_comp_id 
_struct_conn.ptnr1_label_seq_id 
_struct_conn.ptnr1_label_atom_id 
_struct_conn.pdbx_ptnr1_label_alt_id 
_struct_conn.pdbx_ptnr1_PDB_ins_code 
_struct_conn.pdbx_ptnr1_standard_comp_id 
_struct_conn.ptnr1_symmetry 
_struct_conn.ptnr2_label_asym_id 
_struct_conn.ptnr2_label_comp_id 
_struct_conn.ptnr2_label_seq_id 
_struct_conn.ptnr2_label_atom_id 
_struct_conn.pdbx_ptnr2_label_alt_id 
_struct_conn.pdbx_ptnr2_PDB_ins_code 
_struct_conn.ptnr1_auth_asym_id 
_struct_conn.ptnr1_auth_comp_id 
_struct_conn.ptnr1_auth_seq_id 
_struct_conn.ptnr2_auth_asym_id 
_struct_conn.ptnr2_auth_comp_id 
_struct_conn.ptnr2_auth_seq_id 
_struct_conn.ptnr2_symmetry 
_struct_conn.pdbx_ptnr3_label_atom_id 
_struct_conn.pdbx_ptnr3_label_seq_id 
_struct_conn.pdbx_ptnr3_label_comp_id 
_struct_conn.pdbx_ptnr3_label_asym_id 
_struct_conn.pdbx_ptnr3_label_alt_id 
_struct_conn.pdbx_ptnr3_PDB_ins_code 
_struct_conn.details 
_struct_conn.pdbx_dist_value 
_struct_conn.pdbx_value_order 
_struct_conn.pdbx_role 
covale1  covale both ? A ACE 1  C   ? ? ? 1_555 A LEU 2  N   ? ? A ACE 1   A LEU 2   1_555 ? ? ? ? ? ? ? 1.423 ? ? 
covale2  covale both ? A LEU 2  C   ? ? ? 1_555 A AIB 3  N   ? ? A LEU 2   A AIB 3   1_555 ? ? ? ? ? ? ? 1.329 ? ? 
covale3  covale both ? A AIB 3  C   ? ? ? 1_555 A GLU 4  N   ? ? A AIB 3   A GLU 4   1_555 ? ? ? ? ? ? ? 1.333 ? ? 
covale4  covale both ? A GLU 4  C   ? ? ? 1_555 A AIB 5  N   ? ? A GLU 4   A AIB 5   1_555 ? ? ? ? ? ? ? 1.331 ? ? 
covale5  covale both ? A AIB 5  C   ? ? ? 1_555 A LEU 6  N   ? ? A AIB 5   A LEU 6   1_555 ? ? ? ? ? ? ? 1.334 ? ? 
covale6  covale both ? A ASP 8  C   ? ? ? 1_555 A AIB 9  N   ? ? A ASP 8   A AIB 9   1_555 ? ? ? ? ? ? ? 1.332 ? ? 
covale7  covale both ? A AIB 9  C   ? ? ? 1_555 A LEU 10 N   ? ? A AIB 9   A LEU 10  1_555 ? ? ? ? ? ? ? 1.331 ? ? 
covale8  covale both ? A LEU 10 C   ? ? ? 1_555 A NH2 11 N   ? ? A LEU 10  A NH2 11  1_555 ? ? ? ? ? ? ? 1.428 ? ? 
covale9  covale both ? B ACE 1  C   ? ? ? 1_555 B LEU 2  N   ? ? B ACE 1   B LEU 2   1_555 ? ? ? ? ? ? ? 1.424 ? ? 
covale10 covale both ? B LEU 2  C   ? ? ? 1_555 B AIB 3  N   ? ? B LEU 2   B AIB 3   1_555 ? ? ? ? ? ? ? 1.332 ? ? 
covale11 covale both ? B AIB 3  C   ? ? ? 1_555 B GLU 4  N   ? ? B AIB 3   B GLU 4   1_555 ? ? ? ? ? ? ? 1.328 ? ? 
covale12 covale both ? B GLU 4  C   ? ? ? 1_555 B AIB 5  N   ? ? B GLU 4   B AIB 5   1_555 ? ? ? ? ? ? ? 1.331 ? ? 
covale13 covale both ? B AIB 5  C   ? ? ? 1_555 B LEU 6  N   ? ? B AIB 5   B LEU 6   1_555 ? ? ? ? ? ? ? 1.334 ? ? 
covale14 covale both ? B ASP 8  C   ? ? ? 1_555 B AIB 9  N   ? ? B ASP 8   B AIB 9   1_555 ? ? ? ? ? ? ? 1.326 ? ? 
covale15 covale both ? B AIB 9  C   ? ? ? 1_555 B LEU 10 N   ? ? B AIB 9   B LEU 10  1_555 ? ? ? ? ? ? ? 1.332 ? ? 
covale16 covale both ? B LEU 10 C   ? ? ? 1_555 B NH2 11 N   ? ? B LEU 10  B NH2 11  1_555 ? ? ? ? ? ? ? 1.427 ? ? 
metalc1  metalc ?    ? A GLU 4  OE2 ? ? ? 1_555 C CO  .  CO  ? ? A GLU 4   A CO  101 1_555 ? ? ? ? ? ? ? 1.974 ? ? 
metalc2  metalc ?    ? A HIS 7  NE2 ? ? ? 1_555 C CO  .  CO  ? ? A HIS 7   A CO  101 1_655 ? ? ? ? ? ? ? 2.060 ? ? 
metalc3  metalc ?    ? A ASP 8  OD1 ? ? ? 1_555 C CO  .  CO  ? ? A ASP 8   A CO  101 1_555 ? ? ? ? ? ? ? 2.797 ? ? 
metalc4  metalc ?    ? A ASP 8  OD2 ? ? ? 1_555 C CO  .  CO  ? ? A ASP 8   A CO  101 1_555 ? ? ? ? ? ? ? 1.945 ? ? 
metalc5  metalc ?    ? C CO  .  CO  ? ? ? 1_655 B ASP 8  OD1 ? ? A CO  101 B ASP 8   1_555 ? ? ? ? ? ? ? 2.758 ? ? 
metalc6  metalc ?    ? C CO  .  CO  ? ? ? 1_655 B ASP 8  OD2 ? ? A CO  101 B ASP 8   1_555 ? ? ? ? ? ? ? 1.926 ? ? 
# 
loop_
_struct_conn_type.id 
_struct_conn_type.criteria 
_struct_conn_type.reference 
covale ? ? 
metalc ? ? 
# 
loop_
_pdbx_struct_conn_angle.id 
_pdbx_struct_conn_angle.ptnr1_label_atom_id 
_pdbx_struct_conn_angle.ptnr1_label_alt_id 
_pdbx_struct_conn_angle.ptnr1_label_asym_id 
_pdbx_struct_conn_angle.ptnr1_label_comp_id 
_pdbx_struct_conn_angle.ptnr1_label_seq_id 
_pdbx_struct_conn_angle.ptnr1_auth_atom_id 
_pdbx_struct_conn_angle.ptnr1_auth_asym_id 
_pdbx_struct_conn_angle.ptnr1_auth_comp_id 
_pdbx_struct_conn_angle.ptnr1_auth_seq_id 
_pdbx_struct_conn_angle.ptnr1_PDB_ins_code 
_pdbx_struct_conn_angle.ptnr1_symmetry 
_pdbx_struct_conn_angle.ptnr2_label_atom_id 
_pdbx_struct_conn_angle.ptnr2_label_alt_id 
_pdbx_struct_conn_angle.ptnr2_label_asym_id 
_pdbx_struct_conn_angle.ptnr2_label_comp_id 
_pdbx_struct_conn_angle.ptnr2_label_seq_id 
_pdbx_struct_conn_angle.ptnr2_auth_atom_id 
_pdbx_struct_conn_angle.ptnr2_auth_asym_id 
_pdbx_struct_conn_angle.ptnr2_auth_comp_id 
_pdbx_struct_conn_angle.ptnr2_auth_seq_id 
_pdbx_struct_conn_angle.ptnr2_PDB_ins_code 
_pdbx_struct_conn_angle.ptnr2_symmetry 
_pdbx_struct_conn_angle.ptnr3_label_atom_id 
_pdbx_struct_conn_angle.ptnr3_label_alt_id 
_pdbx_struct_conn_angle.ptnr3_label_asym_id 
_pdbx_struct_conn_angle.ptnr3_label_comp_id 
_pdbx_struct_conn_angle.ptnr3_label_seq_id 
_pdbx_struct_conn_angle.ptnr3_auth_atom_id 
_pdbx_struct_conn_angle.ptnr3_auth_asym_id 
_pdbx_struct_conn_angle.ptnr3_auth_comp_id 
_pdbx_struct_conn_angle.ptnr3_auth_seq_id 
_pdbx_struct_conn_angle.ptnr3_PDB_ins_code 
_pdbx_struct_conn_angle.ptnr3_symmetry 
_pdbx_struct_conn_angle.value 
_pdbx_struct_conn_angle.value_esd 
1  OE2 ? A GLU 4 ? A GLU 4 ? 1_555 CO ? C CO . ? A CO 101 ? 1_555 NE2 ? A HIS 7 ? A HIS 7 ? 1_555 45.8  ? 
2  OE2 ? A GLU 4 ? A GLU 4 ? 1_555 CO ? C CO . ? A CO 101 ? 1_555 OD1 ? A ASP 8 ? A ASP 8 ? 1_555 88.1  ? 
3  NE2 ? A HIS 7 ? A HIS 7 ? 1_555 CO ? C CO . ? A CO 101 ? 1_555 OD1 ? A ASP 8 ? A ASP 8 ? 1_555 42.6  ? 
4  OE2 ? A GLU 4 ? A GLU 4 ? 1_555 CO ? C CO . ? A CO 101 ? 1_555 OD2 ? A ASP 8 ? A ASP 8 ? 1_555 120.0 ? 
5  NE2 ? A HIS 7 ? A HIS 7 ? 1_555 CO ? C CO . ? A CO 101 ? 1_555 OD2 ? A ASP 8 ? A ASP 8 ? 1_555 86.3  ? 
6  OD1 ? A ASP 8 ? A ASP 8 ? 1_555 CO ? C CO . ? A CO 101 ? 1_555 OD2 ? A ASP 8 ? A ASP 8 ? 1_555 51.5  ? 
7  OE2 ? A GLU 4 ? A GLU 4 ? 1_555 CO ? C CO . ? A CO 101 ? 1_555 OD1 ? B ASP 8 ? B ASP 8 ? 1_555 60.4  ? 
8  NE2 ? A HIS 7 ? A HIS 7 ? 1_555 CO ? C CO . ? A CO 101 ? 1_555 OD1 ? B ASP 8 ? B ASP 8 ? 1_555 20.7  ? 
9  OD1 ? A ASP 8 ? A ASP 8 ? 1_555 CO ? C CO . ? A CO 101 ? 1_555 OD1 ? B ASP 8 ? B ASP 8 ? 1_555 36.3  ? 
10 OD2 ? A ASP 8 ? A ASP 8 ? 1_555 CO ? C CO . ? A CO 101 ? 1_555 OD1 ? B ASP 8 ? B ASP 8 ? 1_555 87.3  ? 
11 OE2 ? A GLU 4 ? A GLU 4 ? 1_555 CO ? C CO . ? A CO 101 ? 1_555 OD2 ? B ASP 8 ? B ASP 8 ? 1_555 53.9  ? 
12 NE2 ? A HIS 7 ? A HIS 7 ? 1_555 CO ? C CO . ? A CO 101 ? 1_555 OD2 ? B ASP 8 ? B ASP 8 ? 1_555 15.9  ? 
13 OD1 ? A ASP 8 ? A ASP 8 ? 1_555 CO ? C CO . ? A CO 101 ? 1_555 OD2 ? B ASP 8 ? B ASP 8 ? 1_555 40.8  ? 
14 OD2 ? A ASP 8 ? A ASP 8 ? 1_555 CO ? C CO . ? A CO 101 ? 1_555 OD2 ? B ASP 8 ? B ASP 8 ? 1_555 90.8  ? 
15 OD1 ? B ASP 8 ? B ASP 8 ? 1_555 CO ? C CO . ? A CO 101 ? 1_555 OD2 ? B ASP 8 ? B ASP 8 ? 1_555 6.5   ? 
# 
loop_
_pdbx_modification_feature.ordinal 
_pdbx_modification_feature.label_comp_id 
_pdbx_modification_feature.label_asym_id 
_pdbx_modification_feature.label_seq_id 
_pdbx_modification_feature.label_alt_id 
_pdbx_modification_feature.modified_residue_label_comp_id 
_pdbx_modification_feature.modified_residue_label_asym_id 
_pdbx_modification_feature.modified_residue_label_seq_id 
_pdbx_modification_feature.modified_residue_label_alt_id 
_pdbx_modification_feature.auth_comp_id 
_pdbx_modification_feature.auth_asym_id 
_pdbx_modification_feature.auth_seq_id 
_pdbx_modification_feature.PDB_ins_code 
_pdbx_modification_feature.symmetry 
_pdbx_modification_feature.modified_residue_auth_comp_id 
_pdbx_modification_feature.modified_residue_auth_asym_id 
_pdbx_modification_feature.modified_residue_auth_seq_id 
_pdbx_modification_feature.modified_residue_PDB_ins_code 
_pdbx_modification_feature.modified_residue_symmetry 
_pdbx_modification_feature.comp_id_linking_atom 
_pdbx_modification_feature.modified_residue_id_linking_atom 
_pdbx_modification_feature.modified_residue_id 
_pdbx_modification_feature.ref_pcm_id 
_pdbx_modification_feature.ref_comp_id 
_pdbx_modification_feature.type 
_pdbx_modification_feature.category 
1  AIB A 3  ? .   . .  . AIB A 3  ? 1_555 .   . .  . .     . . ALA 1  AIB Methylation 'Named protein modification' 
2  AIB A 5  ? .   . .  . AIB A 5  ? 1_555 .   . .  . .     . . ALA 1  AIB Methylation 'Named protein modification' 
3  AIB A 9  ? .   . .  . AIB A 9  ? 1_555 .   . .  . .     . . ALA 1  AIB Methylation 'Named protein modification' 
4  AIB B 3  ? .   . .  . AIB B 3  ? 1_555 .   . .  . .     . . ALA 1  AIB Methylation 'Named protein modification' 
5  AIB B 5  ? .   . .  . AIB B 5  ? 1_555 .   . .  . .     . . ALA 1  AIB Methylation 'Named protein modification' 
6  AIB B 9  ? .   . .  . AIB B 9  ? 1_555 .   . .  . .     . . ALA 1  AIB Methylation 'Named protein modification' 
7  ACE A 1  ? LEU A 2  ? ACE A 1  ? 1_555 LEU A 2  ? 1_555 . . LEU 14 ACE None        'Terminal acetylation'       
8  ACE B 1  ? LEU B 2  ? ACE B 1  ? 1_555 LEU B 2  ? 1_555 . . LEU 14 ACE None        'Terminal acetylation'       
9  NH2 A 11 ? LEU A 10 ? NH2 A 11 ? 1_555 LEU A 10 ? 1_555 . . LEU 14 NH2 None        'Terminal amidation'         
10 NH2 B 11 ? LEU B 10 ? NH2 B 11 ? 1_555 LEU B 10 ? 1_555 . . LEU 14 NH2 None        'Terminal amidation'         
# 
_pdbx_entry_details.entry_id                   9MEO 
_pdbx_entry_details.nonpolymer_details         ? 
_pdbx_entry_details.sequence_details           ? 
_pdbx_entry_details.compound_details           ? 
_pdbx_entry_details.source_details             ? 
_pdbx_entry_details.has_ligand_of_interest     N 
_pdbx_entry_details.has_protein_modification   Y 
# 
loop_
_space_group_symop.id 
_space_group_symop.operation_xyz 
1 x,y,z       
2 -x,y+1/2,-z 
# 
loop_
_chem_comp_atom.comp_id 
_chem_comp_atom.atom_id 
_chem_comp_atom.type_symbol 
_chem_comp_atom.pdbx_aromatic_flag 
_chem_comp_atom.pdbx_stereo_config 
_chem_comp_atom.pdbx_ordinal 
ACE C    C  N N 1   
ACE O    O  N N 2   
ACE CH3  C  N N 3   
ACE H    H  N N 4   
ACE H1   H  N N 5   
ACE H2   H  N N 6   
ACE H3   H  N N 7   
AIB N    N  N N 8   
AIB CA   C  N N 9   
AIB C    C  N N 10  
AIB O    O  N N 11  
AIB OXT  O  N N 12  
AIB CB1  C  N N 13  
AIB CB2  C  N N 14  
AIB H    H  N N 15  
AIB H2   H  N N 16  
AIB HXT  H  N N 17  
AIB HB11 H  N N 18  
AIB HB12 H  N N 19  
AIB HB13 H  N N 20  
AIB HB21 H  N N 21  
AIB HB22 H  N N 22  
AIB HB23 H  N N 23  
ASP N    N  N N 24  
ASP CA   C  N S 25  
ASP C    C  N N 26  
ASP O    O  N N 27  
ASP CB   C  N N 28  
ASP CG   C  N N 29  
ASP OD1  O  N N 30  
ASP OD2  O  N N 31  
ASP OXT  O  N N 32  
ASP H    H  N N 33  
ASP H2   H  N N 34  
ASP HA   H  N N 35  
ASP HB2  H  N N 36  
ASP HB3  H  N N 37  
ASP HD2  H  N N 38  
ASP HXT  H  N N 39  
CCN N    N  N N 40  
CCN C1   C  N N 41  
CCN C2   C  N N 42  
CCN H21  H  N N 43  
CCN H22  H  N N 44  
CCN H23  H  N N 45  
CO  CO   CO N N 46  
GLU N    N  N N 47  
GLU CA   C  N S 48  
GLU C    C  N N 49  
GLU O    O  N N 50  
GLU CB   C  N N 51  
GLU CG   C  N N 52  
GLU CD   C  N N 53  
GLU OE1  O  N N 54  
GLU OE2  O  N N 55  
GLU OXT  O  N N 56  
GLU H    H  N N 57  
GLU H2   H  N N 58  
GLU HA   H  N N 59  
GLU HB2  H  N N 60  
GLU HB3  H  N N 61  
GLU HG2  H  N N 62  
GLU HG3  H  N N 63  
GLU HE2  H  N N 64  
GLU HXT  H  N N 65  
HIS N    N  N N 66  
HIS CA   C  N S 67  
HIS C    C  N N 68  
HIS O    O  N N 69  
HIS CB   C  N N 70  
HIS CG   C  Y N 71  
HIS ND1  N  Y N 72  
HIS CD2  C  Y N 73  
HIS CE1  C  Y N 74  
HIS NE2  N  Y N 75  
HIS OXT  O  N N 76  
HIS H    H  N N 77  
HIS H2   H  N N 78  
HIS HA   H  N N 79  
HIS HB2  H  N N 80  
HIS HB3  H  N N 81  
HIS HD1  H  N N 82  
HIS HD2  H  N N 83  
HIS HE1  H  N N 84  
HIS HE2  H  N N 85  
HIS HXT  H  N N 86  
HOH O    O  N N 87  
HOH H1   H  N N 88  
HOH H2   H  N N 89  
LEU N    N  N N 90  
LEU CA   C  N S 91  
LEU C    C  N N 92  
LEU O    O  N N 93  
LEU CB   C  N N 94  
LEU CG   C  N N 95  
LEU CD1  C  N N 96  
LEU CD2  C  N N 97  
LEU OXT  O  N N 98  
LEU H    H  N N 99  
LEU H2   H  N N 100 
LEU HA   H  N N 101 
LEU HB2  H  N N 102 
LEU HB3  H  N N 103 
LEU HG   H  N N 104 
LEU HD11 H  N N 105 
LEU HD12 H  N N 106 
LEU HD13 H  N N 107 
LEU HD21 H  N N 108 
LEU HD22 H  N N 109 
LEU HD23 H  N N 110 
LEU HXT  H  N N 111 
NH2 N    N  N N 112 
NH2 HN1  H  N N 113 
NH2 HN2  H  N N 114 
# 
loop_
_chem_comp_bond.comp_id 
_chem_comp_bond.atom_id_1 
_chem_comp_bond.atom_id_2 
_chem_comp_bond.value_order 
_chem_comp_bond.pdbx_aromatic_flag 
_chem_comp_bond.pdbx_stereo_config 
_chem_comp_bond.pdbx_ordinal 
ACE C   O    doub N N 1   
ACE C   CH3  sing N N 2   
ACE C   H    sing N N 3   
ACE CH3 H1   sing N N 4   
ACE CH3 H2   sing N N 5   
ACE CH3 H3   sing N N 6   
AIB N   CA   sing N N 7   
AIB N   H    sing N N 8   
AIB N   H2   sing N N 9   
AIB CA  C    sing N N 10  
AIB CA  CB1  sing N N 11  
AIB CA  CB2  sing N N 12  
AIB C   O    doub N N 13  
AIB C   OXT  sing N N 14  
AIB OXT HXT  sing N N 15  
AIB CB1 HB11 sing N N 16  
AIB CB1 HB12 sing N N 17  
AIB CB1 HB13 sing N N 18  
AIB CB2 HB21 sing N N 19  
AIB CB2 HB22 sing N N 20  
AIB CB2 HB23 sing N N 21  
ASP N   CA   sing N N 22  
ASP N   H    sing N N 23  
ASP N   H2   sing N N 24  
ASP CA  C    sing N N 25  
ASP CA  CB   sing N N 26  
ASP CA  HA   sing N N 27  
ASP C   O    doub N N 28  
ASP C   OXT  sing N N 29  
ASP CB  CG   sing N N 30  
ASP CB  HB2  sing N N 31  
ASP CB  HB3  sing N N 32  
ASP CG  OD1  doub N N 33  
ASP CG  OD2  sing N N 34  
ASP OD2 HD2  sing N N 35  
ASP OXT HXT  sing N N 36  
CCN N   C1   trip N N 37  
CCN C1  C2   sing N N 38  
CCN C2  H21  sing N N 39  
CCN C2  H22  sing N N 40  
CCN C2  H23  sing N N 41  
GLU N   CA   sing N N 42  
GLU N   H    sing N N 43  
GLU N   H2   sing N N 44  
GLU CA  C    sing N N 45  
GLU CA  CB   sing N N 46  
GLU CA  HA   sing N N 47  
GLU C   O    doub N N 48  
GLU C   OXT  sing N N 49  
GLU CB  CG   sing N N 50  
GLU CB  HB2  sing N N 51  
GLU CB  HB3  sing N N 52  
GLU CG  CD   sing N N 53  
GLU CG  HG2  sing N N 54  
GLU CG  HG3  sing N N 55  
GLU CD  OE1  doub N N 56  
GLU CD  OE2  sing N N 57  
GLU OE2 HE2  sing N N 58  
GLU OXT HXT  sing N N 59  
HIS N   CA   sing N N 60  
HIS N   H    sing N N 61  
HIS N   H2   sing N N 62  
HIS CA  C    sing N N 63  
HIS CA  CB   sing N N 64  
HIS CA  HA   sing N N 65  
HIS C   O    doub N N 66  
HIS C   OXT  sing N N 67  
HIS CB  CG   sing N N 68  
HIS CB  HB2  sing N N 69  
HIS CB  HB3  sing N N 70  
HIS CG  ND1  sing Y N 71  
HIS CG  CD2  doub Y N 72  
HIS ND1 CE1  doub Y N 73  
HIS ND1 HD1  sing N N 74  
HIS CD2 NE2  sing Y N 75  
HIS CD2 HD2  sing N N 76  
HIS CE1 NE2  sing Y N 77  
HIS CE1 HE1  sing N N 78  
HIS NE2 HE2  sing N N 79  
HIS OXT HXT  sing N N 80  
HOH O   H1   sing N N 81  
HOH O   H2   sing N N 82  
LEU N   CA   sing N N 83  
LEU N   H    sing N N 84  
LEU N   H2   sing N N 85  
LEU CA  C    sing N N 86  
LEU CA  CB   sing N N 87  
LEU CA  HA   sing N N 88  
LEU C   O    doub N N 89  
LEU C   OXT  sing N N 90  
LEU CB  CG   sing N N 91  
LEU CB  HB2  sing N N 92  
LEU CB  HB3  sing N N 93  
LEU CG  CD1  sing N N 94  
LEU CG  CD2  sing N N 95  
LEU CG  HG   sing N N 96  
LEU CD1 HD11 sing N N 97  
LEU CD1 HD12 sing N N 98  
LEU CD1 HD13 sing N N 99  
LEU CD2 HD21 sing N N 100 
LEU CD2 HD22 sing N N 101 
LEU CD2 HD23 sing N N 102 
LEU OXT HXT  sing N N 103 
NH2 N   HN1  sing N N 104 
NH2 N   HN2  sing N N 105 
# 
loop_
_pdbx_audit_support.funding_organization 
_pdbx_audit_support.country 
_pdbx_audit_support.grant_number 
_pdbx_audit_support.ordinal 
'National Institutes of Health/National Institute of General Medical Sciences (NIH/NIGMS)' 'United States' 1R35GM15479301    1 
'Department of Energy (DOE, United States)'                                                'United States' DE-AC02-06CH11357 2 
# 
_pdbx_initial_refinement_model.id               1 
_pdbx_initial_refinement_model.entity_id_list   ? 
_pdbx_initial_refinement_model.type             'experimental model' 
_pdbx_initial_refinement_model.source_name      PDB 
_pdbx_initial_refinement_model.accession_code   7TLS 
_pdbx_initial_refinement_model.details          ? 
# 
_space_group.name_H-M_alt     'P 1 21 1' 
_space_group.name_Hall        'P 2yb' 
_space_group.IT_number        4 
_space_group.crystal_system   monoclinic 
_space_group.id               1 
# 
_atom_sites.entry_id                    9MEO 
_atom_sites.Cartn_transf_matrix[1][1]   ? 
_atom_sites.Cartn_transf_matrix[1][2]   ? 
_atom_sites.Cartn_transf_matrix[1][3]   ? 
_atom_sites.Cartn_transf_matrix[2][1]   ? 
_atom_sites.Cartn_transf_matrix[2][2]   ? 
_atom_sites.Cartn_transf_matrix[2][3]   ? 
_atom_sites.Cartn_transf_matrix[3][1]   ? 
_atom_sites.Cartn_transf_matrix[3][2]   ? 
_atom_sites.Cartn_transf_matrix[3][3]   ? 
_atom_sites.Cartn_transf_vector[1]      ? 
_atom_sites.Cartn_transf_vector[2]      ? 
_atom_sites.Cartn_transf_vector[3]      ? 
_atom_sites.Cartn_transform_axes        ? 
_atom_sites.fract_transf_matrix[1][1]   0.01801755 
_atom_sites.fract_transf_matrix[1][2]   -0.07654952 
_atom_sites.fract_transf_matrix[1][3]   0.06794772 
_atom_sites.fract_transf_matrix[2][1]   -0.02334716 
_atom_sites.fract_transf_matrix[2][2]   -0.00124854 
_atom_sites.fract_transf_matrix[2][3]   0.00478431 
_atom_sites.fract_transf_matrix[3][1]   -0.00355703 
_atom_sites.fract_transf_matrix[3][2]   -0.05593544 
_atom_sites.fract_transf_matrix[3][3]   -0.03195538 
_atom_sites.fract_transf_vector[1]      -0.005187 
_atom_sites.fract_transf_vector[2]      0.066028 
_atom_sites.fract_transf_vector[3]      -0.290116 
_atom_sites.solution_primary            ? 
_atom_sites.solution_secondary          ? 
_atom_sites.solution_hydrogens          ? 
_atom_sites.special_details             ? 
# 
loop_
_atom_type.symbol 
_atom_type.scat_dispersion_real 
_atom_type.scat_dispersion_imag 
_atom_type.scat_Cromer_Mann_a1 
_atom_type.scat_Cromer_Mann_a2 
_atom_type.scat_Cromer_Mann_a3 
_atom_type.scat_Cromer_Mann_a4 
_atom_type.scat_Cromer_Mann_b1 
_atom_type.scat_Cromer_Mann_b2 
_atom_type.scat_Cromer_Mann_b3 
_atom_type.scat_Cromer_Mann_b4 
_atom_type.scat_Cromer_Mann_c 
_atom_type.scat_source 
_atom_type.scat_dispersion_source 
C  ? ? 2.51340  1.74867 1.72398 ? 31.80534 0.44561  10.58317 ? 0.0 
;3-Gaussian fit: Grosse-Kunstleve RW, Sauter NK, Adams PD: Newsletter of the IUCr Commission on Crystallographic Computing 2004, 3, 22-31.
;
? 
CO ? ? 14.25116 9.13684 3.55259 ? 5.36759  0.30544  48.44770 ? 0.0 
;3-Gaussian fit: Grosse-Kunstleve RW, Sauter NK, Adams PD: Newsletter of the IUCr Commission on Crystallographic Computing 2004, 3, 22-31.
;
? 
H  ? ? 0.53795  0.34799 0.11320 ? 10.08003 29.74760 2.57510  ? 0.0 
;3-Gaussian fit: Grosse-Kunstleve RW, Sauter NK, Adams PD: Newsletter of the IUCr Commission on Crystallographic Computing 2004, 3, 22-31.
;
? 
N  ? ? 2.99955  2.25584 1.72788 ? 23.27268 7.45433  0.31622  ? 0.0 
;3-Gaussian fit: Grosse-Kunstleve RW, Sauter NK, Adams PD: Newsletter of the IUCr Commission on Crystallographic Computing 2004, 3, 22-31.
;
? 
O  ? ? 3.21184  3.04156 1.73156 ? 18.83700 5.90590  0.24126  ? 0.0 
;3-Gaussian fit: Grosse-Kunstleve RW, Sauter NK, Adams PD: Newsletter of the IUCr Commission on Crystallographic Computing 2004, 3, 22-31.
;
? 
# 
loop_
_atom_site.group_PDB 
_atom_site.id 
_atom_site.type_symbol 
_atom_site.label_atom_id 
_atom_site.label_alt_id 
_atom_site.label_comp_id 
_atom_site.label_asym_id 
_atom_site.label_entity_id 
_atom_site.label_seq_id 
_atom_site.pdbx_PDB_ins_code 
_atom_site.Cartn_x 
_atom_site.Cartn_y 
_atom_site.Cartn_z 
_atom_site.occupancy 
_atom_site.B_iso_or_equiv 
_atom_site.pdbx_formal_charge 
_atom_site.auth_seq_id 
_atom_site.auth_comp_id 
_atom_site.auth_asym_id 
_atom_site.auth_atom_id 
_atom_site.pdbx_PDB_model_num 
HETATM 1   C  C    . ACE A 1 1  ? 4.95726   8.58356  -3.68609 1.000 7.00347 ? 1   ACE A C    1 
HETATM 2   O  O    . ACE A 1 1  ? 4.57780   7.41386  -4.03736 1.000 7.00347 ? 1   ACE A O    1 
HETATM 3   C  CH3  . ACE A 1 1  ? 3.95077   9.72691  -3.82492 1.000 7.00000 ? 1   ACE A CH3  1 
HETATM 4   H  H1   . ACE A 1 1  ? 3.30377   9.69968  -3.10358 1.000 7.00000 ? 1   ACE A H1   1 
HETATM 5   H  H2   . ACE A 1 1  ? 3.47404   9.65953  -4.66745 1.000 7.00000 ? 1   ACE A H2   1 
HETATM 6   H  H3   . ACE A 1 1  ? 4.40429   10.58428 -3.79731 1.000 7.00000 ? 1   ACE A H3   1 
ATOM   7   N  N    . LEU A 1 2  ? 6.06109   8.80614  -2.81554 1.000 7.00347 ? 2   LEU A N    1 
ATOM   8   C  CA   . LEU A 1 2  ? 7.05502   7.77325  -2.62437 1.000 7.00347 ? 2   LEU A CA   1 
ATOM   9   C  C    . LEU A 1 2  ? 6.50567   6.58457  -1.83929 1.000 7.00347 ? 2   LEU A C    1 
ATOM   10  O  O    . LEU A 1 2  ? 6.63675   5.43172  -2.25872 1.000 7.00347 ? 2   LEU A O    1 
ATOM   11  C  CB   . LEU A 1 2  ? 8.24157   8.38307  -1.87757 1.000 7.00347 ? 2   LEU A CB   1 
ATOM   12  C  CG   . LEU A 1 2  ? 9.31096   7.41595  -1.37582 1.000 7.00347 ? 2   LEU A CG   1 
ATOM   13  C  CD1  . LEU A 1 2  ? 9.91650   6.62955  -2.52181 1.000 7.00347 ? 2   LEU A CD1  1 
ATOM   14  C  CD2  . LEU A 1 2  ? 10.36781  8.19802  -0.63344 1.000 7.00347 ? 2   LEU A CD2  1 
ATOM   15  H  H    . LEU A 1 2  ? 6.28958   9.57773  -2.51178 1.000 7.00000 ? 2   LEU A H    1 
ATOM   16  H  HA   . LEU A 1 2  ? 7.34134   7.43185  -3.48608 1.000 7.00000 ? 2   LEU A HA   1 
ATOM   17  H  HB2  . LEU A 1 2  ? 8.68279   9.00751  -2.47459 1.000 7.00000 ? 2   LEU A HB2  1 
ATOM   18  H  HB3  . LEU A 1 2  ? 7.89822   8.85287  -1.10101 1.000 7.00000 ? 2   LEU A HB3  1 
ATOM   19  H  HG   . LEU A 1 2  ? 8.91304   6.76820  -0.77312 1.000 7.00000 ? 2   LEU A HG   1 
ATOM   20  H  HD11 . LEU A 1 2  ? 10.60524  6.04236  -2.17229 1.000 7.00000 ? 2   LEU A HD11 1 
ATOM   21  H  HD12 . LEU A 1 2  ? 9.22126   6.10560  -2.94867 1.000 7.00000 ? 2   LEU A HD12 1 
ATOM   22  H  HD13 . LEU A 1 2  ? 10.30342  7.25003  -3.16037 1.000 7.00000 ? 2   LEU A HD13 1 
ATOM   23  H  HD21 . LEU A 1 2  ? 11.04329  7.58479  -0.30552 1.000 7.00000 ? 2   LEU A HD21 1 
ATOM   24  H  HD22 . LEU A 1 2  ? 10.77024  8.83995  -1.24061 1.000 7.00000 ? 2   LEU A HD22 1 
ATOM   25  H  HD23 . LEU A 1 2  ? 9.95268   8.66212  0.11060  1.000 7.00000 ? 2   LEU A HD23 1 
HETATM 26  N  N    . AIB A 1 3  ? 5.94309   6.86054  -0.66675 1.000 7.00347 ? 3   AIB A N    1 
HETATM 27  C  CA   . AIB A 1 3  ? 5.46186   5.81083  0.20264  1.000 7.00347 ? 3   AIB A CA   1 
HETATM 28  C  C    . AIB A 1 3  ? 4.54284   4.82510  -0.54384 1.000 7.00347 ? 3   AIB A C    1 
HETATM 29  O  O    . AIB A 1 3  ? 4.65970   3.60100  -0.47758 1.000 7.00347 ? 3   AIB A O    1 
HETATM 30  C  CB1  . AIB A 1 3  ? 6.66167   5.04104  0.79874  1.000 7.00347 ? 3   AIB A CB1  1 
HETATM 31  C  CB2  . AIB A 1 3  ? 4.64274   6.38850  1.36426  1.000 7.00347 ? 3   AIB A CB2  1 
HETATM 32  H  H    . AIB A 1 3  ? 6.10285   7.70094  -0.14668 1.000 7.00000 ? 3   AIB A H    1 
HETATM 33  H  HB11 . AIB A 1 3  ? 7.22838   4.53581  -0.01942 1.000 7.00000 ? 3   AIB A HB11 1 
HETATM 34  H  HB12 . AIB A 1 3  ? 6.29447   4.27288  1.51997  1.000 7.00000 ? 3   AIB A HB12 1 
HETATM 35  H  HB13 . AIB A 1 3  ? 7.33864   5.75123  1.32965  1.000 7.00000 ? 3   AIB A HB13 1 
HETATM 36  H  HB21 . AIB A 1 3  ? 4.21898   5.54743  1.96500  1.000 7.00000 ? 3   AIB A HB21 1 
HETATM 37  H  HB22 . AIB A 1 3  ? 3.81524   7.01595  0.95165  1.000 7.00000 ? 3   AIB A HB22 1 
HETATM 38  H  HB23 . AIB A 1 3  ? 5.31000   7.01442  2.00540  1.000 7.00000 ? 3   AIB A HB23 1 
ATOM   39  N  N    . GLU A 1 4  ? 3.60760   5.39631  -1.30231 1.000 7.00347 ? 4   GLU A N    1 
ATOM   40  C  CA   . GLU A 1 4  ? 2.63940   4.59799  -2.05033 1.000 7.00347 ? 4   GLU A CA   1 
ATOM   41  C  C    . GLU A 1 4  ? 3.30246   3.82480  -3.19152 1.000 7.00347 ? 4   GLU A C    1 
ATOM   42  O  O    . GLU A 1 4  ? 3.03408   2.62723  -3.37715 1.000 7.00347 ? 4   GLU A O    1 
ATOM   43  C  CB   . GLU A 1 4  ? 1.52808   5.48600  -2.60276 1.000 7.00347 ? 4   GLU A CB   1 
ATOM   44  C  CG   . GLU A 1 4  ? 0.54913   4.76767  -3.53202 1.000 7.00347 ? 4   GLU A CG   1 
ATOM   45  C  CD   . GLU A 1 4  ? -0.45479  3.90634  -2.78478 1.000 7.00347 ? 4   GLU A CD   1 
ATOM   46  O  OE1  . GLU A 1 4  ? -0.70947  4.19992  -1.59658 1.000 7.00347 ? 4   GLU A OE1  1 
ATOM   47  O  OE2  . GLU A 1 4  ? -0.99196  2.95352  -3.39516 1.000 7.00347 ? 4   GLU A OE2  1 
ATOM   48  H  H    . GLU A 1 4  ? 3.51284   6.24515  -1.39860 1.000 7.00000 ? 4   GLU A H    1 
ATOM   49  H  HA   . GLU A 1 4  ? 2.24482   3.94941  -1.44654 1.000 7.00000 ? 4   GLU A HA   1 
ATOM   50  H  HB2  . GLU A 1 4  ? 1.01867   5.84267  -1.85803 1.000 7.00000 ? 4   GLU A HB2  1 
ATOM   51  H  HB3  . GLU A 1 4  ? 1.93220   6.21000  -3.10543 1.000 7.00000 ? 4   GLU A HB3  1 
ATOM   52  H  HG2  . GLU A 1 4  ? 0.05471   5.42914  -4.04124 1.000 7.00000 ? 4   GLU A HG2  1 
ATOM   53  H  HG3  . GLU A 1 4  ? 1.04763   4.19217  -4.13275 1.000 7.00000 ? 4   GLU A HG3  1 
HETATM 54  N  N    . AIB A 1 5  ? 4.12296   4.51422  -3.98083 1.000 7.00347 ? 5   AIB A N    1 
HETATM 55  C  CA   . AIB A 1 5  ? 4.81098   3.88465  -5.08748 1.000 7.00347 ? 5   AIB A CA   1 
HETATM 56  C  C    . AIB A 1 5  ? 5.54244   2.59351  -4.65327 1.000 7.00347 ? 5   AIB A C    1 
HETATM 57  O  O    . AIB A 1 5  ? 5.47056   1.50740  -5.23760 1.000 7.00347 ? 5   AIB A O    1 
HETATM 58  C  CB1  . AIB A 1 5  ? 3.78445   3.53715  -6.18204 1.000 7.00347 ? 5   AIB A CB1  1 
HETATM 59  C  CB2  . AIB A 1 5  ? 5.85546   4.84113  -5.68677 1.000 7.00347 ? 5   AIB A CB2  1 
HETATM 60  H  H    . AIB A 1 5  ? 4.07962   5.50605  -4.11309 1.000 7.00000 ? 5   AIB A H    1 
HETATM 61  H  HB11 . AIB A 1 5  ? 3.01384   2.84374  -5.76885 1.000 7.00000 ? 5   AIB A HB11 1 
HETATM 62  H  HB12 . AIB A 1 5  ? 4.30178   3.04322  -7.03869 1.000 7.00000 ? 5   AIB A HB12 1 
HETATM 63  H  HB13 . AIB A 1 5  ? 3.28688   4.46948  -6.54117 1.000 7.00000 ? 5   AIB A HB13 1 
HETATM 64  H  HB21 . AIB A 1 5  ? 5.34618   5.78249  -6.00590 1.000 7.00000 ? 5   AIB A HB21 1 
HETATM 65  H  HB22 . AIB A 1 5  ? 6.33468   4.35135  -6.56867 1.000 7.00000 ? 5   AIB A HB22 1 
HETATM 66  H  HB23 . AIB A 1 5  ? 6.62646   5.07051  -4.91224 1.000 7.00000 ? 5   AIB A HB23 1 
ATOM   67  N  N    . LEU A 1 6  ? 6.26840   2.74684  -3.54476 1.000 7.00347 ? 6   LEU A N    1 
ATOM   68  C  CA   . LEU A 1 6  ? 7.01806   1.64462  -2.94256 1.000 7.00347 ? 6   LEU A CA   1 
ATOM   69  C  C    . LEU A 1 6  ? 6.09183   0.55230  -2.39525 1.000 7.00347 ? 6   LEU A C    1 
ATOM   70  O  O    . LEU A 1 6  ? 6.36098   -0.64194 -2.55569 1.000 7.00347 ? 6   LEU A O    1 
ATOM   71  C  CB   . LEU A 1 6  ? 7.89065   2.19171  -1.81883 1.000 7.00347 ? 6   LEU A CB   1 
ATOM   72  C  CG   . LEU A 1 6  ? 8.76235   1.21060  -1.03841 1.000 7.00347 ? 6   LEU A CG   1 
ATOM   73  C  CD1  . LEU A 1 6  ? 9.70383   0.46239  -1.97165 1.000 7.00347 ? 6   LEU A CD1  1 
ATOM   74  C  CD2  . LEU A 1 6  ? 9.51189   1.96920  0.05385  1.000 7.00347 ? 6   LEU A CD2  1 
ATOM   75  H  H    . LEU A 1 6  ? 6.34377   3.48902  -3.11795 1.000 7.00000 ? 6   LEU A H    1 
ATOM   76  H  HA   . LEU A 1 6  ? 7.57709   1.23214  -3.61935 1.000 7.00000 ? 6   LEU A HA   1 
ATOM   77  H  HB2  . LEU A 1 6  ? 8.49069   2.84876  -2.20593 1.000 7.00000 ? 6   LEU A HB2  1 
ATOM   78  H  HB3  . LEU A 1 6  ? 7.30516   2.61770  -1.17283 1.000 7.00000 ? 6   LEU A HB3  1 
ATOM   79  H  HG   . LEU A 1 6  ? 8.21221   0.53594  -0.61191 1.000 7.00000 ? 6   LEU A HG   1 
ATOM   80  H  HD11 . LEU A 1 6  ? 10.29097  -0.10062 -1.44317 1.000 7.00000 ? 6   LEU A HD11 1 
ATOM   81  H  HD12 . LEU A 1 6  ? 9.17937   -0.08379 -2.57848 1.000 7.00000 ? 6   LEU A HD12 1 
ATOM   82  H  HD13 . LEU A 1 6  ? 10.22780  1.10597  -2.47408 1.000 7.00000 ? 6   LEU A HD13 1 
ATOM   83  H  HD21 . LEU A 1 6  ? 9.99677   1.33390  0.60314  1.000 7.00000 ? 6   LEU A HD21 1 
ATOM   84  H  HD22 . LEU A 1 6  ? 10.13273  2.58899  -0.36119 1.000 7.00000 ? 6   LEU A HD22 1 
ATOM   85  H  HD23 . LEU A 1 6  ? 8.87242   2.45624  0.59697  1.000 7.00000 ? 6   LEU A HD23 1 
ATOM   86  N  N    . HIS A 1 7  ? 5.01222   0.97717  -1.72661 1.000 7.00347 ? 7   HIS A N    1 
ATOM   87  C  CA   . HIS A 1 7  ? 3.99840   0.04292  -1.23628 1.000 7.00347 ? 7   HIS A CA   1 
ATOM   88  C  C    . HIS A 1 7  ? 3.53132   -0.88112 -2.35505 1.000 7.00347 ? 7   HIS A C    1 
ATOM   89  O  O    . HIS A 1 7  ? 3.31415   -2.07790 -2.13590 1.000 7.00347 ? 7   HIS A O    1 
ATOM   90  C  CB   . HIS A 1 7  ? 2.82870   0.86676  -0.68865 1.000 7.00347 ? 7   HIS A CB   1 
ATOM   91  C  CG   . HIS A 1 7  ? 2.03696   0.20677  0.40334  1.000 7.00347 ? 7   HIS A CG   1 
ATOM   92  N  ND1  . HIS A 1 7  ? 0.91898   0.80226  0.94920  1.000 7.00347 ? 7   HIS A ND1  1 
ATOM   93  C  CD2  . HIS A 1 7  ? 2.19266   -0.97141 1.05520  1.000 7.00347 ? 7   HIS A CD2  1 
ATOM   94  C  CE1  . HIS A 1 7  ? 0.42553   0.02163  1.89407  1.000 7.00347 ? 7   HIS A CE1  1 
ATOM   95  N  NE2  . HIS A 1 7  ? 1.17751   -1.06289 1.97845  1.000 7.00347 ? 7   HIS A NE2  1 
ATOM   96  H  H    . HIS A 1 7  ? 4.84416   1.80038  -1.54378 1.000 7.00000 ? 7   HIS A H    1 
ATOM   97  H  HA   . HIS A 1 7  ? 4.35641   -0.51501 -0.52766 1.000 7.00000 ? 7   HIS A HA   1 
ATOM   98  H  HB2  . HIS A 1 7  ? 3.18056   1.69677  -0.33127 1.000 7.00000 ? 7   HIS A HB2  1 
ATOM   99  H  HB3  . HIS A 1 7  ? 2.21742   1.05261  -1.41836 1.000 7.00000 ? 7   HIS A HB3  1 
ATOM   100 H  HD1  . HIS A 1 7  ? 0.59459   1.56182  0.71168  1.000 7.00000 ? 7   HIS A HD1  1 
ATOM   101 H  HD2  . HIS A 1 7  ? 2.86136   -1.60052 0.90692  1.000 7.00000 ? 7   HIS A HD2  1 
ATOM   102 H  HE1  . HIS A 1 7  ? -0.32453  0.20493  2.41182  1.000 7.00000 ? 7   HIS A HE1  1 
ATOM   103 N  N    . ASP A 1 8  ? 3.38858   -0.34158 -3.56424 1.000 7.00347 ? 8   ASP A N    1 
ATOM   104 C  CA   . ASP A 1 8  ? 2.87841   -1.09509 -4.70416 1.000 7.00347 ? 8   ASP A CA   1 
ATOM   105 C  C    . ASP A 1 8  ? 3.98642   -1.96160 -5.30956 1.000 7.00347 ? 8   ASP A C    1 
ATOM   106 O  O    . ASP A 1 8  ? 3.77559   -3.13364 -5.59675 1.000 7.00347 ? 8   ASP A O    1 
ATOM   107 C  CB   . ASP A 1 8  ? 2.35983   -0.11569 -5.75712 1.000 7.00347 ? 8   ASP A CB   1 
ATOM   108 C  CG   . ASP A 1 8  ? 1.04238   0.51131  -5.36333 1.000 7.00347 ? 8   ASP A CG   1 
ATOM   109 O  OD1  . ASP A 1 8  ? 0.40376   0.04966  -4.38524 1.000 7.00347 ? 8   ASP A OD1  1 
ATOM   110 O  OD2  . ASP A 1 8  ? 0.69067   1.53707  -5.97897 1.000 7.00347 ? 8   ASP A OD2  1 
ATOM   111 H  H    . ASP A 1 8  ? 3.58325   0.47378  -3.75327 1.000 7.00000 ? 8   ASP A H    1 
ATOM   112 H  HA   . ASP A 1 8  ? 2.15535   -1.67745 -4.42402 1.000 7.00000 ? 8   ASP A HA   1 
ATOM   113 H  HB2  . ASP A 1 8  ? 3.00799   0.59573  -5.87527 1.000 7.00000 ? 8   ASP A HB2  1 
ATOM   114 H  HB3  . ASP A 1 8  ? 2.23015   -0.58937 -6.59336 1.000 7.00000 ? 8   ASP A HB3  1 
HETATM 115 N  N    . AIB A 1 9  ? 5.16183   -1.37567 -5.53122 1.000 7.00347 ? 9   AIB A N    1 
HETATM 116 C  CA   . AIB A 1 9  ? 6.29387   -2.08475 -6.10796 1.000 7.00347 ? 9   AIB A CA   1 
HETATM 117 C  C    . AIB A 1 9  ? 6.63296   -3.38220 -5.35051 1.000 7.00347 ? 9   AIB A C    1 
HETATM 118 O  O    . AIB A 1 9  ? 7.01597   -4.41813 -5.90168 1.000 7.00347 ? 9   AIB A O    1 
HETATM 119 C  CB1  . AIB A 1 9  ? 6.02010   -2.44158 -7.58697 1.000 7.00347 ? 9   AIB A CB1  1 
HETATM 120 C  CB2  . AIB A 1 9  ? 7.54183   -1.19537 -6.04108 1.000 7.00347 ? 9   AIB A CB2  1 
HETATM 121 H  H    . AIB A 1 9  ? 5.28040   -0.39025 -5.65816 1.000 7.00000 ? 9   AIB A H    1 
HETATM 122 H  HB11 . AIB A 1 9  ? 5.65972   -1.53650 -8.13172 1.000 7.00000 ? 9   AIB A HB11 1 
HETATM 123 H  HB12 . AIB A 1 9  ? 5.24234   -3.23913 -7.64485 1.000 7.00000 ? 9   AIB A HB12 1 
HETATM 124 H  HB13 . AIB A 1 9  ? 6.95977   -2.80822 -8.06536 1.000 7.00000 ? 9   AIB A HB13 1 
HETATM 125 H  HB21 . AIB A 1 9  ? 8.38802   -1.71525 -6.55174 1.000 7.00000 ? 9   AIB A HB21 1 
HETATM 126 H  HB22 . AIB A 1 9  ? 7.80027   -1.00897 -4.97070 1.000 7.00000 ? 9   AIB A HB22 1 
HETATM 127 H  HB23 . AIB A 1 9  ? 7.32762   -0.22550 -6.55399 1.000 7.00000 ? 9   AIB A HB23 1 
ATOM   128 N  N    . LEU A 1 10 ? 6.46940   -3.30021 -4.03224 1.000 7.00347 ? 10  LEU A N    1 
ATOM   129 C  CA   . LEU A 1 10 ? 6.83486   -4.41051 -3.15709 1.000 7.00347 ? 10  LEU A CA   1 
ATOM   130 C  C    . LEU A 1 10 ? 5.80102   -5.51885 -3.13912 1.000 7.00347 ? 10  LEU A C    1 
ATOM   131 O  O    . LEU A 1 10 ? 6.08298   -6.62378 -2.68000 1.000 7.00347 ? 10  LEU A O    1 
ATOM   132 C  CB   . LEU A 1 10 ? 7.06095   -3.92543 -1.72767 1.000 7.00347 ? 10  LEU A CB   1 
ATOM   133 C  CG   . LEU A 1 10 ? 8.37876   -3.18175 -1.52256 1.000 7.00347 ? 10  LEU A CG   1 
ATOM   134 C  CD1  . LEU A 1 10 ? 8.33259   -2.43438 -0.21102 1.000 7.00347 ? 10  LEU A CD1  1 
ATOM   135 C  CD2  . LEU A 1 10 ? 9.56859   -4.12069 -1.55801 1.000 7.00347 ? 10  LEU A CD2  1 
ATOM   136 H  H    . LEU A 1 10 ? 6.14981   -2.61450 -3.62212 1.000 7.00000 ? 10  LEU A H    1 
ATOM   137 H  HA   . LEU A 1 10 ? 7.65919   -4.78345 -3.50663 1.000 7.00000 ? 10  LEU A HA   1 
ATOM   138 H  HB2  . LEU A 1 10 ? 6.34111   -3.32192 -1.48649 1.000 7.00000 ? 10  LEU A HB2  1 
ATOM   139 H  HB3  . LEU A 1 10 ? 7.06073   -4.69462 -1.13635 1.000 7.00000 ? 10  LEU A HB3  1 
ATOM   140 H  HG   . LEU A 1 10 ? 8.49961   -2.55136 -2.24979 1.000 7.00000 ? 10  LEU A HG   1 
ATOM   141 H  HD11 . LEU A 1 10 ? 9.19178   -2.01027 -0.05770 1.000 7.00000 ? 10  LEU A HD11 1 
ATOM   142 H  HD12 . LEU A 1 10 ? 7.63541   -1.76158 -0.25517 1.000 7.00000 ? 10  LEU A HD12 1 
ATOM   143 H  HD13 . LEU A 1 10 ? 8.14159   -3.06141 0.50400  1.000 7.00000 ? 10  LEU A HD13 1 
ATOM   144 H  HD21 . LEU A 1 10 ? 10.37903  -3.61044 -1.40064 1.000 7.00000 ? 10  LEU A HD21 1 
ATOM   145 H  HD22 . LEU A 1 10 ? 9.46201   -4.79257 -0.86675 1.000 7.00000 ? 10  LEU A HD22 1 
ATOM   146 H  HD23 . LEU A 1 10 ? 9.61015   -4.54621 -2.42896 1.000 7.00000 ? 10  LEU A HD23 1 
HETATM 147 N  N    . NH2 A 1 11 ? 4.55940   -5.29767 -3.80803 1.000 7.00347 ? 11  NH2 A N    1 
HETATM 148 H  HN1  . NH2 A 1 11 ? 4.15086   -4.55023 -3.54654 1.000 7.00000 ? 11  NH2 A HN1  1 
HETATM 149 H  HN2  . NH2 A 1 11 ? 4.14192   -5.95656 -3.38351 1.000 7.00000 ? 11  NH2 A HN2  1 
HETATM 150 C  C    . ACE B 1 1  ? -3.63867  1.23256  8.95900  1.000 7.00347 ? 1   ACE B C    1 
HETATM 151 O  O    . ACE B 1 1  ? -3.42930  0.24763  8.17234  1.000 7.00347 ? 1   ACE B O    1 
HETATM 152 C  CH3  . ACE B 1 1  ? -2.46489  1.66471  9.83652  1.000 7.00000 ? 1   ACE B CH3  1 
HETATM 153 H  H1   . ACE B 1 1  ? -1.85577  2.22868  9.33474  1.000 7.00000 ? 1   ACE B H1   1 
HETATM 154 H  H2   . ACE B 1 1  ? -1.97509  0.89041  10.15409 1.000 7.00000 ? 1   ACE B H2   1 
HETATM 155 H  H3   . ACE B 1 1  ? -2.78160  2.16340  10.60598 1.000 7.00000 ? 1   ACE B H3   1 
ATOM   156 N  N    . LEU B 1 2  ? -4.91090  1.86622  9.05143  1.000 7.00347 ? 2   LEU B N    1 
ATOM   157 C  CA   . LEU B 1 2  ? -6.05314  1.25024  8.41950  1.000 7.00347 ? 2   LEU B CA   1 
ATOM   158 C  C    . LEU B 1 2  ? -6.05902  1.47752  6.90380  1.000 7.00347 ? 2   LEU B C    1 
ATOM   159 O  O    . LEU B 1 2  ? -6.40129  0.56558  6.15778  1.000 7.00347 ? 2   LEU B O    1 
ATOM   160 C  CB   . LEU B 1 2  ? -7.32011  1.79425  9.05793  1.000 7.00347 ? 2   LEU B CB   1 
ATOM   161 C  CG   . LEU B 1 2  ? -7.52183  1.35935  10.51397 1.000 7.00347 ? 2   LEU B CG   1 
ATOM   162 C  CD1  . LEU B 1 2  ? -8.64626  2.13972  11.11651 1.000 7.00347 ? 2   LEU B CD1  1 
ATOM   163 C  CD2  . LEU B 1 2  ? -7.80740  -0.13415 10.62618 1.000 7.00347 ? 2   LEU B CD2  1 
ATOM   164 H  H    . LEU B 1 2  ? -5.11350  2.44278  9.65976  1.000 7.00000 ? 2   LEU B H    1 
ATOM   165 H  HA   . LEU B 1 2  ? -6.02441  0.28899  8.54830  1.000 7.00000 ? 2   LEU B HA   1 
ATOM   166 H  HB2  . LEU B 1 2  ? -7.28550  2.76376  9.04087  1.000 7.00000 ? 2   LEU B HB2  1 
ATOM   167 H  HB3  . LEU B 1 2  ? -8.08365  1.48157  8.54748  1.000 7.00000 ? 2   LEU B HB3  1 
ATOM   168 H  HG   . LEU B 1 2  ? -6.70190  1.53256  11.00384 1.000 7.00000 ? 2   LEU B HG   1 
ATOM   169 H  HD11 . LEU B 1 2  ? -8.74755  1.88041  12.04605 1.000 7.00000 ? 2   LEU B HD11 1 
ATOM   170 H  HD12 . LEU B 1 2  ? -8.44120  3.08564  11.05717 1.000 7.00000 ? 2   LEU B HD12 1 
ATOM   171 H  HD13 . LEU B 1 2  ? -9.46175  1.94686  10.62825 1.000 7.00000 ? 2   LEU B HD13 1 
ATOM   172 H  HD21 . LEU B 1 2  ? -7.99009  -0.35128 11.55354 1.000 7.00000 ? 2   LEU B HD21 1 
ATOM   173 H  HD22 . LEU B 1 2  ? -8.57766  -0.35002 10.07825 1.000 7.00000 ? 2   LEU B HD22 1 
ATOM   174 H  HD23 . LEU B 1 2  ? -7.03278  -0.62831 10.31669 1.000 7.00000 ? 2   LEU B HD23 1 
HETATM 175 N  N    . AIB B 1 3  ? -5.73295  2.68759  6.45139  1.000 7.00347 ? 3   AIB B N    1 
HETATM 176 C  CA   . AIB B 1 3  ? -5.58390  2.96407  5.02613  1.000 7.00347 ? 3   AIB B CA   1 
HETATM 177 C  C    . AIB B 1 3  ? -4.68219  1.90819  4.35726  1.000 7.00347 ? 3   AIB B C    1 
HETATM 178 O  O    . AIB B 1 3  ? -4.92740  1.32235  3.29208  1.000 7.00347 ? 3   AIB B O    1 
HETATM 179 C  CB1  . AIB B 1 3  ? -6.93597  2.97163  4.29120  1.000 7.00347 ? 3   AIB B CB1  1 
HETATM 180 C  CB2  . AIB B 1 3  ? -4.91008  4.33165  4.80040  1.000 7.00347 ? 3   AIB B CB2  1 
HETATM 181 H  H    . AIB B 1 3  ? -5.89561  3.53874  6.95219  1.000 7.00000 ? 3   AIB B H    1 
HETATM 182 H  HB11 . AIB B 1 3  ? -7.59177  3.76849  4.71579  1.000 7.00000 ? 3   AIB B HB11 1 
HETATM 183 H  HB12 . AIB B 1 3  ? -7.43677  1.98157  4.41228  1.000 7.00000 ? 3   AIB B HB12 1 
HETATM 184 H  HB13 . AIB B 1 3  ? -6.77363  3.16917  3.20455  1.000 7.00000 ? 3   AIB B HB13 1 
HETATM 185 H  HB21 . AIB B 1 3  ? -4.71253  4.46497  3.70918  1.000 7.00000 ? 3   AIB B HB21 1 
HETATM 186 H  HB22 . AIB B 1 3  ? -3.94821  4.36202  5.36702  1.000 7.00000 ? 3   AIB B HB22 1 
HETATM 187 H  HB23 . AIB B 1 3  ? -5.59107  5.13817  5.16445  1.000 7.00000 ? 3   AIB B HB23 1 
ATOM   188 N  N    . GLU B 1 4  ? -3.58903  1.64892  5.06494  1.000 7.00347 ? 4   GLU B N    1 
ATOM   189 C  CA   . GLU B 1 4  ? -2.55151  0.74232  4.58400  1.000 7.00347 ? 4   GLU B CA   1 
ATOM   190 C  C    . GLU B 1 4  ? -3.05640  -0.71430 4.57328  1.000 7.00347 ? 4   GLU B C    1 
ATOM   191 O  O    . GLU B 1 4  ? -2.84114  -1.45053 3.60098  1.000 7.00347 ? 4   GLU B O    1 
ATOM   192 C  CB   . GLU B 1 4  ? -1.29669  0.87112  5.45854  1.000 7.00347 ? 4   GLU B CB   1 
ATOM   193 C  CG   . GLU B 1 4  ? -0.55639  2.20257  5.35326  1.000 7.00347 ? 4   GLU B CG   1 
ATOM   194 C  CD   . GLU B 1 4  ? -0.94398  3.23697  6.42044  1.000 7.00347 ? 4   GLU B CD   1 
ATOM   195 O  OE1  . GLU B 1 4  ? -2.05869  3.20644  6.97350  1.000 7.00347 ? 4   GLU B OE1  1 
ATOM   196 O  OE2  . GLU B 1 4  ? -0.09689  4.11165  6.70710  1.000 7.00347 ? 4   GLU B OE2  1 
ATOM   197 H  H    . GLU B 1 4  ? -3.42071  1.99027  5.83575  1.000 7.00000 ? 4   GLU B H    1 
ATOM   198 H  HA   . GLU B 1 4  ? -2.31096  0.97590  3.67391  1.000 7.00000 ? 4   GLU B HA   1 
ATOM   199 H  HB2  . GLU B 1 4  ? -1.55861  0.75936  6.38595  1.000 7.00000 ? 4   GLU B HB2  1 
ATOM   200 H  HB3  . GLU B 1 4  ? -0.67393  0.17361  5.20292  1.000 7.00000 ? 4   GLU B HB3  1 
ATOM   201 H  HG2  . GLU B 1 4  ? 0.39479   2.03491  5.44192  1.000 7.00000 ? 4   GLU B HG2  1 
ATOM   202 H  HG3  . GLU B 1 4  ? -0.74491  2.59378  4.48554  1.000 7.00000 ? 4   GLU B HG3  1 
HETATM 203 N  N    . AIB B 1 5  ? -3.71459  -1.13082 5.65224  1.000 7.00347 ? 5   AIB B N    1 
HETATM 204 C  CA   . AIB B 1 5  ? -4.32459  -2.44875 5.73348  1.000 7.00347 ? 5   AIB B CA   1 
HETATM 205 C  C    . AIB B 1 5  ? -5.26880  -2.70151 4.53660  1.000 7.00347 ? 5   AIB B C    1 
HETATM 206 O  O    . AIB B 1 5  ? -5.27494  -3.74681 3.88968  1.000 7.00347 ? 5   AIB B O    1 
HETATM 207 C  CB1  . AIB B 1 5  ? -3.26040  -3.56653 5.75653  1.000 7.00347 ? 5   AIB B CB1  1 
HETATM 208 C  CB2  . AIB B 1 5  ? -5.16290  -2.56794 7.01868  1.000 7.00347 ? 5   AIB B CB2  1 
HETATM 209 H  H    . AIB B 1 5  ? -3.56446  -0.76954 6.57392  1.000 7.00000 ? 5   AIB B H    1 
HETATM 210 H  HB11 . AIB B 1 5  ? -2.65508  -3.48919 6.69047  1.000 7.00000 ? 5   AIB B HB11 1 
HETATM 211 H  HB12 . AIB B 1 5  ? -2.58844  -3.46400 4.87234  1.000 7.00000 ? 5   AIB B HB12 1 
HETATM 212 H  HB13 . AIB B 1 5  ? -3.76153  -4.56367 5.72448  1.000 7.00000 ? 5   AIB B HB13 1 
HETATM 213 H  HB21 . AIB B 1 5  ? -5.62670  -3.58356 7.05924  1.000 7.00000 ? 5   AIB B HB21 1 
HETATM 214 H  HB22 . AIB B 1 5  ? -5.96013  -1.78698 7.00835  1.000 7.00000 ? 5   AIB B HB22 1 
HETATM 215 H  HB23 . AIB B 1 5  ? -4.49694  -2.41988 7.90285  1.000 7.00000 ? 5   AIB B HB23 1 
ATOM   216 N  N    . LEU B 1 6  ? -6.07661  -1.68326 4.23727  1.000 7.00347 ? 6   LEU B N    1 
ATOM   217 C  CA   . LEU B 1 6  ? -7.03064  -1.77006 3.13055  1.000 7.00347 ? 6   LEU B CA   1 
ATOM   218 C  C    . LEU B 1 6  ? -6.33271  -1.83660 1.78026  1.000 7.00347 ? 6   LEU B C    1 
ATOM   219 O  O    . LEU B 1 6  ? -6.73427  -2.59724 0.89916  1.000 7.00347 ? 6   LEU B O    1 
ATOM   220 C  CB   . LEU B 1 6  ? -7.99231  -0.57867 3.16310  1.000 7.00347 ? 6   LEU B CB   1 
ATOM   221 C  CG   . LEU B 1 6  ? -9.12934  -0.57212 2.13543  1.000 7.00347 ? 6   LEU B CG   1 
ATOM   222 C  CD1  . LEU B 1 6  ? -9.98676  -1.82758 2.22775  1.000 7.00347 ? 6   LEU B CD1  1 
ATOM   223 C  CD2  . LEU B 1 6  ? -9.97891  0.68206  2.25757  1.000 7.00347 ? 6   LEU B CD2  1 
ATOM   224 H  H    . LEU B 1 6  ? -6.09082  -0.93306 4.65800  1.000 7.00000 ? 6   LEU B H    1 
ATOM   225 H  HA   . LEU B 1 6  ? -7.54469  -2.58671 3.23221  1.000 7.00000 ? 6   LEU B HA   1 
ATOM   226 H  HB2  . LEU B 1 6  ? -8.40373  -0.55102 4.04077  1.000 7.00000 ? 6   LEU B HB2  1 
ATOM   227 H  HB3  . LEU B 1 6  ? -7.47292  0.22732  3.01488  1.000 7.00000 ? 6   LEU B HB3  1 
ATOM   228 H  HG   . LEU B 1 6  ? -8.72887  -0.56935 1.25216  1.000 7.00000 ? 6   LEU B HG   1 
ATOM   229 H  HD11 . LEU B 1 6  ? -10.69098 -1.77971 1.56213  1.000 7.00000 ? 6   LEU B HD11 1 
ATOM   230 H  HD12 . LEU B 1 6  ? -9.42885  -2.60455 2.06391  1.000 7.00000 ? 6   LEU B HD12 1 
ATOM   231 H  HD13 . LEU B 1 6  ? -10.37430 -1.88128 3.11596  1.000 7.00000 ? 6   LEU B HD13 1 
ATOM   232 H  HD21 . LEU B 1 6  ? -10.68398 0.65139  1.59225  1.000 7.00000 ? 6   LEU B HD21 1 
ATOM   233 H  HD22 . LEU B 1 6  ? -10.36374 0.71630  3.14701  1.000 7.00000 ? 6   LEU B HD22 1 
ATOM   234 H  HD23 . LEU B 1 6  ? -9.41706  1.45881  2.10939  1.000 7.00000 ? 6   LEU B HD23 1 
ATOM   235 N  N    . HIS B 1 7  ? -5.29317  -1.02256 1.60851  1.000 7.00347 ? 7   HIS B N    1 
ATOM   236 C  CA   . HIS B 1 7  ? -4.48749  -1.08876 0.39505  1.000 7.00347 ? 7   HIS B CA   1 
ATOM   237 C  C    . HIS B 1 7  ? -4.05338  -2.52523 0.12340  1.000 7.00347 ? 7   HIS B C    1 
ATOM   238 O  O    . HIS B 1 7  ? -4.14895  -3.02797 -1.00294 1.000 7.00347 ? 7   HIS B O    1 
ATOM   239 C  CB   . HIS B 1 7  ? -3.25459  -0.19450 0.58429  1.000 7.00347 ? 7   HIS B CB   1 
ATOM   240 C  CG   . HIS B 1 7  ? -2.19334  -0.38710 -0.45254 1.000 7.00347 ? 7   HIS B CG   1 
ATOM   241 N  ND1  . HIS B 1 7  ? -1.21691  -1.35659 -0.35019 1.000 7.00347 ? 7   HIS B ND1  1 
ATOM   242 C  CD2  . HIS B 1 7  ? -1.91097  0.31368  -1.57535 1.000 7.00347 ? 7   HIS B CD2  1 
ATOM   243 C  CE1  . HIS B 1 7  ? -0.41072  -1.27777 -1.39357 1.000 7.00347 ? 7   HIS B CE1  1 
ATOM   244 N  NE2  . HIS B 1 7  ? -0.81031  -0.27366 -2.15375 1.000 7.00347 ? 7   HIS B NE2  1 
ATOM   245 H  H    . HIS B 1 7  ? -5.03507  -0.42837 2.17511  1.000 7.00000 ? 7   HIS B H    1 
ATOM   246 H  HA   . HIS B 1 7  ? -5.00153  -0.77500 -0.36546 1.000 7.00000 ? 7   HIS B HA   1 
ATOM   247 H  HB2  . HIS B 1 7  ? -3.53635  0.73302  0.54874  1.000 7.00000 ? 7   HIS B HB2  1 
ATOM   248 H  HB3  . HIS B 1 7  ? -2.86048  -0.38846 1.44928  1.000 7.00000 ? 7   HIS B HB3  1 
ATOM   249 H  HD1  . HIS B 1 7  ? -1.14378  -1.92347 0.29273  1.000 7.00000 ? 7   HIS B HD1  1 
ATOM   250 H  HD2  . HIS B 1 7  ? -2.37521  1.05294  -1.89703 1.000 7.00000 ? 7   HIS B HD2  1 
ATOM   251 H  HE1  . HIS B 1 7  ? 0.31478   -1.83491 -1.56513 1.000 7.00000 ? 7   HIS B HE1  1 
ATOM   252 N  N    . ASP B 1 8  ? -3.57206  -3.20893 1.15150  1.000 7.00347 ? 8   ASP B N    1 
ATOM   253 C  CA   . ASP B 1 8  ? -3.07734  -4.56463 0.99216  1.000 7.00347 ? 8   ASP B CA   1 
ATOM   254 C  C    . ASP B 1 8  ? -4.19830  -5.57820 0.78933  1.000 7.00347 ? 8   ASP B C    1 
ATOM   255 O  O    . ASP B 1 8  ? -4.10440  -6.44260 -0.08039 1.000 7.00347 ? 8   ASP B O    1 
ATOM   256 C  CB   . ASP B 1 8  ? -2.19738  -4.91810 2.18121  1.000 7.00347 ? 8   ASP B CB   1 
ATOM   257 C  CG   . ASP B 1 8  ? -0.96634  -4.03534 2.26359  1.000 7.00347 ? 8   ASP B CG   1 
ATOM   258 O  OD1  . ASP B 1 8  ? -0.52877  -3.53275 1.20795  1.000 7.00347 ? 8   ASP B OD1  1 
ATOM   259 O  OD2  . ASP B 1 8  ? -0.42225  -3.85814 3.36874  1.000 7.00347 ? 8   ASP B OD2  1 
ATOM   260 H  H    . ASP B 1 8  ? -3.52178  -2.90628 1.95473  1.000 7.00000 ? 8   ASP B H    1 
ATOM   261 H  HA   . ASP B 1 8  ? -2.53806  -4.62017 0.18742  1.000 7.00000 ? 8   ASP B HA   1 
ATOM   262 H  HB2  . ASP B 1 8  ? -2.70626  -4.80439 2.99986  1.000 7.00000 ? 8   ASP B HB2  1 
ATOM   263 H  HB3  . ASP B 1 8  ? -1.90442  -5.83882 2.09861  1.000 7.00000 ? 8   ASP B HB3  1 
HETATM 264 N  N    . AIB B 1 9  ? -5.25632  -5.48083 1.58263  1.000 7.00347 ? 9   AIB B N    1 
HETATM 265 C  CA   . AIB B 1 9  ? -6.41764  -6.32344 1.40203  1.000 7.00347 ? 9   AIB B CA   1 
HETATM 266 C  C    . AIB B 1 9  ? -6.93384  -6.31353 -0.05193 1.000 7.00347 ? 9   AIB B C    1 
HETATM 267 O  O    . AIB B 1 9  ? -7.33080  -7.31804 -0.65002 1.000 7.00347 ? 9   AIB B O    1 
HETATM 268 C  CB1  . AIB B 1 9  ? -6.15543  -7.78410 1.80158  1.000 7.00347 ? 9   AIB B CB1  1 
HETATM 269 C  CB2  . AIB B 1 9  ? -7.59102  -5.77937 2.22778  1.000 7.00347 ? 9   AIB B CB2  1 
HETATM 270 H  H    . AIB B 1 9  ? -5.49834  -4.65967 2.10235  1.000 7.00000 ? 9   AIB B H    1 
HETATM 271 H  HB11 . AIB B 1 9  ? -5.90338  -7.83717 2.88804  1.000 7.00000 ? 9   AIB B HB11 1 
HETATM 272 H  HB12 . AIB B 1 9  ? -5.30408  -8.19016 1.20618  1.000 7.00000 ? 9   AIB B HB12 1 
HETATM 273 H  HB13 . AIB B 1 9  ? -7.06725  -8.39777 1.60635  1.000 7.00000 ? 9   AIB B HB13 1 
HETATM 274 H  HB21 . AIB B 1 9  ? -8.50955  -6.36995 1.99088  1.000 7.00000 ? 9   AIB B HB21 1 
HETATM 275 H  HB22 . AIB B 1 9  ? -7.75274  -4.70505 1.96837  1.000 7.00000 ? 9   AIB B HB22 1 
HETATM 276 H  HB23 . AIB B 1 9  ? -7.34803  -5.87538 3.31368  1.000 7.00000 ? 9   AIB B HB23 1 
ATOM   277 N  N    . LEU B 1 10 ? -6.91004  -5.11731 -0.63624 1.000 7.00347 ? 10  LEU B N    1 
ATOM   278 C  CA   . LEU B 1 10 ? -7.46459  -4.92490 -1.97531 1.000 7.00347 ? 10  LEU B CA   1 
ATOM   279 C  C    . LEU B 1 10 ? -6.64249  -5.62376 -3.04424 1.000 7.00347 ? 10  LEU B C    1 
ATOM   280 O  O    . LEU B 1 10 ? -7.13523  -5.86247 -4.14435 1.000 7.00347 ? 10  LEU B O    1 
ATOM   281 C  CB   . LEU B 1 10 ? -7.57904  -3.43926 -2.29575 1.000 7.00347 ? 10  LEU B CB   1 
ATOM   282 C  CG   . LEU B 1 10 ? -8.73440  -2.72616 -1.60230 1.000 7.00347 ? 10  LEU B CG   1 
ATOM   283 C  CD1  . LEU B 1 10 ? -8.54954  -1.21652 -1.67298 1.000 7.00347 ? 10  LEU B CD1  1 
ATOM   284 C  CD2  . LEU B 1 10 ? -10.06790 -3.12173 -2.21715 1.000 7.00347 ? 10  LEU B CD2  1 
ATOM   285 H  H    . LEU B 1 10 ? -6.58182  -4.40698 -0.28075 1.000 7.00000 ? 10  LEU B H    1 
ATOM   286 H  HA   . LEU B 1 10 ? -8.35202  -5.31502 -1.99319 1.000 7.00000 ? 10  LEU B HA   1 
ATOM   287 H  HB2  . LEU B 1 10 ? -6.75829  -3.00076 -2.02199 1.000 7.00000 ? 10  LEU B HB2  1 
ATOM   288 H  HB3  . LEU B 1 10 ? -7.70492  -3.33886 -3.25295 1.000 7.00000 ? 10  LEU B HB3  1 
ATOM   289 H  HG   . LEU B 1 10 ? -8.74474  -2.99189 -0.66962 1.000 7.00000 ? 10  LEU B HG   1 
ATOM   290 H  HD11 . LEU B 1 10 ? -9.24210  -0.78893 -1.14507 1.000 7.00000 ? 10  LEU B HD11 1 
ATOM   291 H  HD12 . LEU B 1 10 ? -7.67642  -0.98798 -1.31820 1.000 7.00000 ? 10  LEU B HD12 1 
ATOM   292 H  HD13 . LEU B 1 10 ? -8.61513  -0.93329 -2.59756 1.000 7.00000 ? 10  LEU B HD13 1 
ATOM   293 H  HD21 . LEU B 1 10 ? -10.78535 -2.73402 -1.69136 1.000 7.00000 ? 10  LEU B HD21 1 
ATOM   294 H  HD22 . LEU B 1 10 ? -10.10772 -2.78727 -3.12726 1.000 7.00000 ? 10  LEU B HD22 1 
ATOM   295 H  HD23 . LEU B 1 10 ? -10.14276 -4.08866 -2.21628 1.000 7.00000 ? 10  LEU B HD23 1 
HETATM 296 N  N    . NH2 B 1 11 ? -5.25873  -5.85183 -2.78089 1.000 7.00347 ? 11  NH2 B N    1 
HETATM 297 H  HN1  . NH2 B 1 11 ? -5.21738  -6.64770 -2.38775 1.000 7.00000 ? 11  NH2 B HN1  1 
HETATM 298 H  HN2  . NH2 B 1 11 ? -4.64929  -5.87835 -3.43021 1.000 7.00000 ? 11  NH2 B HN2  1 
HETATM 299 CO CO   . CO  C 2 .  ? -0.93182  2.34219  -5.27144 1.000 7.00347 ? 101 CO  A CO   1 
HETATM 300 N  N    . CCN D 3 .  ? -1.56839  8.31037  8.28382  1.000 7.00347 ? 101 CCN B N    1 
HETATM 301 C  C1   . CCN D 3 .  ? -1.53409  7.76694  7.27684  1.000 7.00347 ? 101 CCN B C1   1 
HETATM 302 C  C2   . CCN D 3 .  ? -1.50303  7.06474  6.01310  1.000 7.00347 ? 101 CCN B C2   1 
HETATM 303 H  H21  . CCN D 3 .  ? -2.40362  6.96324  5.66714  1.000 7.00000 ? 101 CCN B H21  1 
HETATM 304 H  H22  . CCN D 3 .  ? -0.97346  7.56118  5.36985  1.000 7.00000 ? 101 CCN B H22  1 
HETATM 305 H  H23  . CCN D 3 .  ? -1.11081  6.18559  6.13136  1.000 7.00000 ? 101 CCN B H23  1 
HETATM 306 O  O    . HOH E 4 .  ? 0.46907   3.47995  0.69948  1.000 7.00347 ? 201 HOH A O    1 
HETATM 307 O  O    . HOH E 4 .  ? 1.16545   -4.21280 -5.75118 1.000 7.00347 ? 202 HOH A O    1 
HETATM 308 O  O    . HOH E 4 .  ? 2.73037   7.17250  -6.33678 1.000 7.00347 ? 203 HOH A O    1 
HETATM 309 O  O    . HOH E 4 .  ? 2.76090   -7.71958 -4.20802 1.000 7.00347 ? 204 HOH A O    1 
HETATM 310 O  O    . HOH E 4 .  ? 3.72801   -6.75831 -0.34508 1.000 7.00347 ? 205 HOH A O    1 
HETATM 311 O  O    . HOH E 4 .  ? 2.36149   3.15472  3.20028  1.000 7.00347 ? 206 HOH A O    1 
HETATM 312 O  O    . HOH F 4 .  ? 2.34814   4.09046  5.70883  1.000 7.00347 ? 201 HOH B O    1 
HETATM 313 O  O    . HOH F 4 .  ? -1.14694  -1.54751 8.30662  1.000 7.00347 ? 202 HOH B O    1 
HETATM 314 O  O    . HOH F 4 .  ? -1.88274  2.97037  2.21869  1.000 7.00347 ? 203 HOH B O    1 
HETATM 315 O  O    . HOH F 4 .  ? 1.21838   5.27065  2.67850  1.000 7.00347 ? 204 HOH B O    1 
# 
loop_
_atom_site_anisotrop.id 
_atom_site_anisotrop.type_symbol 
_atom_site_anisotrop.pdbx_label_atom_id 
_atom_site_anisotrop.pdbx_label_alt_id 
_atom_site_anisotrop.pdbx_label_comp_id 
_atom_site_anisotrop.pdbx_label_asym_id 
_atom_site_anisotrop.pdbx_label_seq_id 
_atom_site_anisotrop.pdbx_PDB_ins_code 
_atom_site_anisotrop.U[1][1] 
_atom_site_anisotrop.U[2][2] 
_atom_site_anisotrop.U[3][3] 
_atom_site_anisotrop.U[1][2] 
_atom_site_anisotrop.U[1][3] 
_atom_site_anisotrop.U[2][3] 
_atom_site_anisotrop.pdbx_auth_seq_id 
_atom_site_anisotrop.pdbx_auth_comp_id 
_atom_site_anisotrop.pdbx_auth_asym_id 
_atom_site_anisotrop.pdbx_auth_atom_id 
1   C  C   . ACE A 1  ? 0.08870 0.08870 0.08870 0.00000 0.00000 0.00000 1   ACE A C   
2   O  O   . ACE A 1  ? 0.08870 0.08870 0.08870 0.00000 0.00000 0.00000 1   ACE A O   
7   N  N   . LEU A 2  ? 0.08870 0.08870 0.08870 0.00000 0.00000 0.00000 2   LEU A N   
8   C  CA  . LEU A 2  ? 0.08870 0.08870 0.08870 0.00000 0.00000 0.00000 2   LEU A CA  
9   C  C   . LEU A 2  ? 0.08870 0.08870 0.08870 0.00000 0.00000 0.00000 2   LEU A C   
10  O  O   . LEU A 2  ? 0.08870 0.08870 0.08870 0.00000 0.00000 0.00000 2   LEU A O   
11  C  CB  . LEU A 2  ? 0.08870 0.08870 0.08870 0.00000 0.00000 0.00000 2   LEU A CB  
12  C  CG  . LEU A 2  ? 0.08870 0.08870 0.08870 0.00000 0.00000 0.00000 2   LEU A CG  
13  C  CD1 . LEU A 2  ? 0.08870 0.08870 0.08870 0.00000 0.00000 0.00000 2   LEU A CD1 
14  C  CD2 . LEU A 2  ? 0.08870 0.08870 0.08870 0.00000 0.00000 0.00000 2   LEU A CD2 
26  N  N   . AIB A 3  ? 0.08870 0.08870 0.08870 0.00000 0.00000 0.00000 3   AIB A N   
27  C  CA  . AIB A 3  ? 0.08870 0.08870 0.08870 0.00000 0.00000 0.00000 3   AIB A CA  
28  C  C   . AIB A 3  ? 0.08870 0.08870 0.08870 0.00000 0.00000 0.00000 3   AIB A C   
29  O  O   . AIB A 3  ? 0.08870 0.08870 0.08870 0.00000 0.00000 0.00000 3   AIB A O   
30  C  CB1 . AIB A 3  ? 0.08870 0.08870 0.08870 0.00000 0.00000 0.00000 3   AIB A CB1 
31  C  CB2 . AIB A 3  ? 0.08870 0.08870 0.08870 0.00000 0.00000 0.00000 3   AIB A CB2 
39  N  N   . GLU A 4  ? 0.08870 0.08870 0.08870 0.00000 0.00000 0.00000 4   GLU A N   
40  C  CA  . GLU A 4  ? 0.08870 0.08870 0.08870 0.00000 0.00000 0.00000 4   GLU A CA  
41  C  C   . GLU A 4  ? 0.08870 0.08870 0.08870 0.00000 0.00000 0.00000 4   GLU A C   
42  O  O   . GLU A 4  ? 0.08870 0.08870 0.08870 0.00000 0.00000 0.00000 4   GLU A O   
43  C  CB  . GLU A 4  ? 0.08870 0.08870 0.08870 0.00000 0.00000 0.00000 4   GLU A CB  
44  C  CG  . GLU A 4  ? 0.08870 0.08870 0.08870 0.00000 0.00000 0.00000 4   GLU A CG  
45  C  CD  . GLU A 4  ? 0.08870 0.08870 0.08870 0.00000 0.00000 0.00000 4   GLU A CD  
46  O  OE1 . GLU A 4  ? 0.08870 0.08870 0.08870 0.00000 0.00000 0.00000 4   GLU A OE1 
47  O  OE2 . GLU A 4  ? 0.08870 0.08870 0.08870 0.00000 0.00000 0.00000 4   GLU A OE2 
54  N  N   . AIB A 5  ? 0.08870 0.08870 0.08870 0.00000 0.00000 0.00000 5   AIB A N   
55  C  CA  . AIB A 5  ? 0.08870 0.08870 0.08870 0.00000 0.00000 0.00000 5   AIB A CA  
56  C  C   . AIB A 5  ? 0.08870 0.08870 0.08870 0.00000 0.00000 0.00000 5   AIB A C   
57  O  O   . AIB A 5  ? 0.08870 0.08870 0.08870 0.00000 0.00000 0.00000 5   AIB A O   
58  C  CB1 . AIB A 5  ? 0.08870 0.08870 0.08870 0.00000 0.00000 0.00000 5   AIB A CB1 
59  C  CB2 . AIB A 5  ? 0.08870 0.08870 0.08870 0.00000 0.00000 0.00000 5   AIB A CB2 
67  N  N   . LEU A 6  ? 0.08870 0.08870 0.08870 0.00000 0.00000 0.00000 6   LEU A N   
68  C  CA  . LEU A 6  ? 0.08870 0.08870 0.08870 0.00000 0.00000 0.00000 6   LEU A CA  
69  C  C   . LEU A 6  ? 0.08870 0.08870 0.08870 0.00000 0.00000 0.00000 6   LEU A C   
70  O  O   . LEU A 6  ? 0.08870 0.08870 0.08870 0.00000 0.00000 0.00000 6   LEU A O   
71  C  CB  . LEU A 6  ? 0.08870 0.08870 0.08870 0.00000 0.00000 0.00000 6   LEU A CB  
72  C  CG  . LEU A 6  ? 0.08870 0.08870 0.08870 0.00000 0.00000 0.00000 6   LEU A CG  
73  C  CD1 . LEU A 6  ? 0.08870 0.08870 0.08870 0.00000 0.00000 0.00000 6   LEU A CD1 
74  C  CD2 . LEU A 6  ? 0.08870 0.08870 0.08870 0.00000 0.00000 0.00000 6   LEU A CD2 
86  N  N   . HIS A 7  ? 0.08870 0.08870 0.08870 0.00000 0.00000 0.00000 7   HIS A N   
87  C  CA  . HIS A 7  ? 0.08870 0.08870 0.08870 0.00000 0.00000 0.00000 7   HIS A CA  
88  C  C   . HIS A 7  ? 0.08870 0.08870 0.08870 0.00000 0.00000 0.00000 7   HIS A C   
89  O  O   . HIS A 7  ? 0.08870 0.08870 0.08870 0.00000 0.00000 0.00000 7   HIS A O   
90  C  CB  . HIS A 7  ? 0.08870 0.08870 0.08870 0.00000 0.00000 0.00000 7   HIS A CB  
91  C  CG  . HIS A 7  ? 0.08870 0.08870 0.08870 0.00000 0.00000 0.00000 7   HIS A CG  
92  N  ND1 . HIS A 7  ? 0.08870 0.08870 0.08870 0.00000 0.00000 0.00000 7   HIS A ND1 
93  C  CD2 . HIS A 7  ? 0.08870 0.08870 0.08870 0.00000 0.00000 0.00000 7   HIS A CD2 
94  C  CE1 . HIS A 7  ? 0.08870 0.08870 0.08870 0.00000 0.00000 0.00000 7   HIS A CE1 
95  N  NE2 . HIS A 7  ? 0.08870 0.08870 0.08870 0.00000 0.00000 0.00000 7   HIS A NE2 
103 N  N   . ASP A 8  ? 0.08870 0.08870 0.08870 0.00000 0.00000 0.00000 8   ASP A N   
104 C  CA  . ASP A 8  ? 0.08870 0.08870 0.08870 0.00000 0.00000 0.00000 8   ASP A CA  
105 C  C   . ASP A 8  ? 0.08870 0.08870 0.08870 0.00000 0.00000 0.00000 8   ASP A C   
106 O  O   . ASP A 8  ? 0.08870 0.08870 0.08870 0.00000 0.00000 0.00000 8   ASP A O   
107 C  CB  . ASP A 8  ? 0.08870 0.08870 0.08870 0.00000 0.00000 0.00000 8   ASP A CB  
108 C  CG  . ASP A 8  ? 0.08870 0.08870 0.08870 0.00000 0.00000 0.00000 8   ASP A CG  
109 O  OD1 . ASP A 8  ? 0.08870 0.08870 0.08870 0.00000 0.00000 0.00000 8   ASP A OD1 
110 O  OD2 . ASP A 8  ? 0.08870 0.08870 0.08870 0.00000 0.00000 0.00000 8   ASP A OD2 
115 N  N   . AIB A 9  ? 0.08870 0.08870 0.08870 0.00000 0.00000 0.00000 9   AIB A N   
116 C  CA  . AIB A 9  ? 0.08870 0.08870 0.08870 0.00000 0.00000 0.00000 9   AIB A CA  
117 C  C   . AIB A 9  ? 0.08870 0.08870 0.08870 0.00000 0.00000 0.00000 9   AIB A C   
118 O  O   . AIB A 9  ? 0.08870 0.08870 0.08870 0.00000 0.00000 0.00000 9   AIB A O   
119 C  CB1 . AIB A 9  ? 0.08870 0.08870 0.08870 0.00000 0.00000 0.00000 9   AIB A CB1 
120 C  CB2 . AIB A 9  ? 0.08870 0.08870 0.08870 0.00000 0.00000 0.00000 9   AIB A CB2 
128 N  N   . LEU A 10 ? 0.08870 0.08870 0.08870 0.00000 0.00000 0.00000 10  LEU A N   
129 C  CA  . LEU A 10 ? 0.08870 0.08870 0.08870 0.00000 0.00000 0.00000 10  LEU A CA  
130 C  C   . LEU A 10 ? 0.08870 0.08870 0.08870 0.00000 0.00000 0.00000 10  LEU A C   
131 O  O   . LEU A 10 ? 0.08870 0.08870 0.08870 0.00000 0.00000 0.00000 10  LEU A O   
132 C  CB  . LEU A 10 ? 0.08870 0.08870 0.08870 0.00000 0.00000 0.00000 10  LEU A CB  
133 C  CG  . LEU A 10 ? 0.08870 0.08870 0.08870 0.00000 0.00000 0.00000 10  LEU A CG  
134 C  CD1 . LEU A 10 ? 0.08870 0.08870 0.08870 0.00000 0.00000 0.00000 10  LEU A CD1 
135 C  CD2 . LEU A 10 ? 0.08870 0.08870 0.08870 0.00000 0.00000 0.00000 10  LEU A CD2 
147 N  N   . NH2 A 11 ? 0.08870 0.08870 0.08870 0.00000 0.00000 0.00000 11  NH2 A N   
150 C  C   . ACE B 1  ? 0.08870 0.08870 0.08870 0.00000 0.00000 0.00000 1   ACE B C   
151 O  O   . ACE B 1  ? 0.08870 0.08870 0.08870 0.00000 0.00000 0.00000 1   ACE B O   
156 N  N   . LEU B 2  ? 0.08870 0.08870 0.08870 0.00000 0.00000 0.00000 2   LEU B N   
157 C  CA  . LEU B 2  ? 0.08870 0.08870 0.08870 0.00000 0.00000 0.00000 2   LEU B CA  
158 C  C   . LEU B 2  ? 0.08870 0.08870 0.08870 0.00000 0.00000 0.00000 2   LEU B C   
159 O  O   . LEU B 2  ? 0.08870 0.08870 0.08870 0.00000 0.00000 0.00000 2   LEU B O   
160 C  CB  . LEU B 2  ? 0.08870 0.08870 0.08870 0.00000 0.00000 0.00000 2   LEU B CB  
161 C  CG  . LEU B 2  ? 0.08870 0.08870 0.08870 0.00000 0.00000 0.00000 2   LEU B CG  
162 C  CD1 . LEU B 2  ? 0.08870 0.08870 0.08870 0.00000 0.00000 0.00000 2   LEU B CD1 
163 C  CD2 . LEU B 2  ? 0.08870 0.08870 0.08870 0.00000 0.00000 0.00000 2   LEU B CD2 
175 N  N   . AIB B 3  ? 0.08870 0.08870 0.08870 0.00000 0.00000 0.00000 3   AIB B N   
176 C  CA  . AIB B 3  ? 0.08870 0.08870 0.08870 0.00000 0.00000 0.00000 3   AIB B CA  
177 C  C   . AIB B 3  ? 0.08870 0.08870 0.08870 0.00000 0.00000 0.00000 3   AIB B C   
178 O  O   . AIB B 3  ? 0.08870 0.08870 0.08870 0.00000 0.00000 0.00000 3   AIB B O   
179 C  CB1 . AIB B 3  ? 0.08870 0.08870 0.08870 0.00000 0.00000 0.00000 3   AIB B CB1 
180 C  CB2 . AIB B 3  ? 0.08870 0.08870 0.08870 0.00000 0.00000 0.00000 3   AIB B CB2 
188 N  N   . GLU B 4  ? 0.08870 0.08870 0.08870 0.00000 0.00000 0.00000 4   GLU B N   
189 C  CA  . GLU B 4  ? 0.08870 0.08870 0.08870 0.00000 0.00000 0.00000 4   GLU B CA  
190 C  C   . GLU B 4  ? 0.08870 0.08870 0.08870 0.00000 0.00000 0.00000 4   GLU B C   
191 O  O   . GLU B 4  ? 0.08870 0.08870 0.08870 0.00000 0.00000 0.00000 4   GLU B O   
192 C  CB  . GLU B 4  ? 0.08870 0.08870 0.08870 0.00000 0.00000 0.00000 4   GLU B CB  
193 C  CG  . GLU B 4  ? 0.08870 0.08870 0.08870 0.00000 0.00000 0.00000 4   GLU B CG  
194 C  CD  . GLU B 4  ? 0.08870 0.08870 0.08870 0.00000 0.00000 0.00000 4   GLU B CD  
195 O  OE1 . GLU B 4  ? 0.08870 0.08870 0.08870 0.00000 0.00000 0.00000 4   GLU B OE1 
196 O  OE2 . GLU B 4  ? 0.08870 0.08870 0.08870 0.00000 0.00000 0.00000 4   GLU B OE2 
203 N  N   . AIB B 5  ? 0.08870 0.08870 0.08870 0.00000 0.00000 0.00000 5   AIB B N   
204 C  CA  . AIB B 5  ? 0.08870 0.08870 0.08870 0.00000 0.00000 0.00000 5   AIB B CA  
205 C  C   . AIB B 5  ? 0.08870 0.08870 0.08870 0.00000 0.00000 0.00000 5   AIB B C   
206 O  O   . AIB B 5  ? 0.08870 0.08870 0.08870 0.00000 0.00000 0.00000 5   AIB B O   
207 C  CB1 . AIB B 5  ? 0.08870 0.08870 0.08870 0.00000 0.00000 0.00000 5   AIB B CB1 
208 C  CB2 . AIB B 5  ? 0.08870 0.08870 0.08870 0.00000 0.00000 0.00000 5   AIB B CB2 
216 N  N   . LEU B 6  ? 0.08870 0.08870 0.08870 0.00000 0.00000 0.00000 6   LEU B N   
217 C  CA  . LEU B 6  ? 0.08870 0.08870 0.08870 0.00000 0.00000 0.00000 6   LEU B CA  
218 C  C   . LEU B 6  ? 0.08870 0.08870 0.08870 0.00000 0.00000 0.00000 6   LEU B C   
219 O  O   . LEU B 6  ? 0.08870 0.08870 0.08870 0.00000 0.00000 0.00000 6   LEU B O   
220 C  CB  . LEU B 6  ? 0.08870 0.08870 0.08870 0.00000 0.00000 0.00000 6   LEU B CB  
221 C  CG  . LEU B 6  ? 0.08870 0.08870 0.08870 0.00000 0.00000 0.00000 6   LEU B CG  
222 C  CD1 . LEU B 6  ? 0.08870 0.08870 0.08870 0.00000 0.00000 0.00000 6   LEU B CD1 
223 C  CD2 . LEU B 6  ? 0.08870 0.08870 0.08870 0.00000 0.00000 0.00000 6   LEU B CD2 
235 N  N   . HIS B 7  ? 0.08870 0.08870 0.08870 0.00000 0.00000 0.00000 7   HIS B N   
236 C  CA  . HIS B 7  ? 0.08870 0.08870 0.08870 0.00000 0.00000 0.00000 7   HIS B CA  
237 C  C   . HIS B 7  ? 0.08870 0.08870 0.08870 0.00000 0.00000 0.00000 7   HIS B C   
238 O  O   . HIS B 7  ? 0.08870 0.08870 0.08870 0.00000 0.00000 0.00000 7   HIS B O   
239 C  CB  . HIS B 7  ? 0.08870 0.08870 0.08870 0.00000 0.00000 0.00000 7   HIS B CB  
240 C  CG  . HIS B 7  ? 0.08870 0.08870 0.08870 0.00000 0.00000 0.00000 7   HIS B CG  
241 N  ND1 . HIS B 7  ? 0.08870 0.08870 0.08870 0.00000 0.00000 0.00000 7   HIS B ND1 
242 C  CD2 . HIS B 7  ? 0.08870 0.08870 0.08870 0.00000 0.00000 0.00000 7   HIS B CD2 
243 C  CE1 . HIS B 7  ? 0.08870 0.08870 0.08870 0.00000 0.00000 0.00000 7   HIS B CE1 
244 N  NE2 . HIS B 7  ? 0.08870 0.08870 0.08870 0.00000 0.00000 0.00000 7   HIS B NE2 
252 N  N   . ASP B 8  ? 0.08870 0.08870 0.08870 0.00000 0.00000 0.00000 8   ASP B N   
253 C  CA  . ASP B 8  ? 0.08870 0.08870 0.08870 0.00000 0.00000 0.00000 8   ASP B CA  
254 C  C   . ASP B 8  ? 0.08870 0.08870 0.08870 0.00000 0.00000 0.00000 8   ASP B C   
255 O  O   . ASP B 8  ? 0.08870 0.08870 0.08870 0.00000 0.00000 0.00000 8   ASP B O   
256 C  CB  . ASP B 8  ? 0.08870 0.08870 0.08870 0.00000 0.00000 0.00000 8   ASP B CB  
257 C  CG  . ASP B 8  ? 0.08870 0.08870 0.08870 0.00000 0.00000 0.00000 8   ASP B CG  
258 O  OD1 . ASP B 8  ? 0.08870 0.08870 0.08870 0.00000 0.00000 0.00000 8   ASP B OD1 
259 O  OD2 . ASP B 8  ? 0.08870 0.08870 0.08870 0.00000 0.00000 0.00000 8   ASP B OD2 
264 N  N   . AIB B 9  ? 0.08870 0.08870 0.08870 0.00000 0.00000 0.00000 9   AIB B N   
265 C  CA  . AIB B 9  ? 0.08870 0.08870 0.08870 0.00000 0.00000 0.00000 9   AIB B CA  
266 C  C   . AIB B 9  ? 0.08870 0.08870 0.08870 0.00000 0.00000 0.00000 9   AIB B C   
267 O  O   . AIB B 9  ? 0.08870 0.08870 0.08870 0.00000 0.00000 0.00000 9   AIB B O   
268 C  CB1 . AIB B 9  ? 0.08870 0.08870 0.08870 0.00000 0.00000 0.00000 9   AIB B CB1 
269 C  CB2 . AIB B 9  ? 0.08870 0.08870 0.08870 0.00000 0.00000 0.00000 9   AIB B CB2 
277 N  N   . LEU B 10 ? 0.08870 0.08870 0.08870 0.00000 0.00000 0.00000 10  LEU B N   
278 C  CA  . LEU B 10 ? 0.08870 0.08870 0.08870 0.00000 0.00000 0.00000 10  LEU B CA  
279 C  C   . LEU B 10 ? 0.08870 0.08870 0.08870 0.00000 0.00000 0.00000 10  LEU B C   
280 O  O   . LEU B 10 ? 0.08870 0.08870 0.08870 0.00000 0.00000 0.00000 10  LEU B O   
281 C  CB  . LEU B 10 ? 0.08870 0.08870 0.08870 0.00000 0.00000 0.00000 10  LEU B CB  
282 C  CG  . LEU B 10 ? 0.08870 0.08870 0.08870 0.00000 0.00000 0.00000 10  LEU B CG  
283 C  CD1 . LEU B 10 ? 0.08870 0.08870 0.08870 0.00000 0.00000 0.00000 10  LEU B CD1 
284 C  CD2 . LEU B 10 ? 0.08870 0.08870 0.08870 0.00000 0.00000 0.00000 10  LEU B CD2 
296 N  N   . NH2 B 11 ? 0.08870 0.08870 0.08870 0.00000 0.00000 0.00000 11  NH2 B N   
299 CO CO  . CO  C .  ? 0.08870 0.08870 0.08870 0.00000 0.00000 0.00000 101 CO  A CO  
300 N  N   . CCN D .  ? 0.08870 0.08870 0.08870 0.00000 0.00000 0.00000 101 CCN B N   
301 C  C1  . CCN D .  ? 0.08870 0.08870 0.08870 0.00000 0.00000 0.00000 101 CCN B C1  
302 C  C2  . CCN D .  ? 0.08870 0.08870 0.08870 0.00000 0.00000 0.00000 101 CCN B C2  
306 O  O   . HOH E .  ? 0.08870 0.08870 0.08870 0.00000 0.00000 0.00000 201 HOH A O   
307 O  O   . HOH E .  ? 0.08870 0.08870 0.08870 0.00000 0.00000 0.00000 202 HOH A O   
308 O  O   . HOH E .  ? 0.08870 0.08870 0.08870 0.00000 0.00000 0.00000 203 HOH A O   
309 O  O   . HOH E .  ? 0.08870 0.08870 0.08870 0.00000 0.00000 0.00000 204 HOH A O   
310 O  O   . HOH E .  ? 0.08870 0.08870 0.08870 0.00000 0.00000 0.00000 205 HOH A O   
311 O  O   . HOH E .  ? 0.08870 0.08870 0.08870 0.00000 0.00000 0.00000 206 HOH A O   
312 O  O   . HOH F .  ? 0.08870 0.08870 0.08870 0.00000 0.00000 0.00000 201 HOH B O   
313 O  O   . HOH F .  ? 0.08870 0.08870 0.08870 0.00000 0.00000 0.00000 202 HOH B O   
314 O  O   . HOH F .  ? 0.08870 0.08870 0.08870 0.00000 0.00000 0.00000 203 HOH B O   
315 O  O   . HOH F .  ? 0.08870 0.08870 0.08870 0.00000 0.00000 0.00000 204 HOH B O   
# 
